data_9DQH
#
_entry.id   9DQH
#
_cell.length_a   1.00
_cell.length_b   1.00
_cell.length_c   1.00
_cell.angle_alpha   90.00
_cell.angle_beta   90.00
_cell.angle_gamma   90.00
#
_symmetry.space_group_name_H-M   'P 1'
#
loop_
_entity.id
_entity.type
_entity.pdbx_description
1 polymer 'Mas-related G-protein coupled receptor member D'
2 polymer 'Gs-mini-Gq chimera'
3 polymer 'Guanine nucleotide-binding protein G(I)/G(S)/G(T) subunit beta-1'
4 polymer 'Guanine nucleotide-binding protein G(I)/G(S)/G(O) subunit gamma-2'
5 polymer scFv16
6 non-polymer 2-({1-[2-(4-chlorophenyl)-2-methylpropanoyl]piperidin-4-yl}amino)-5,6,7,8-tetrahydroquinazolin-4(3H)-one
#
loop_
_entity_poly.entity_id
_entity_poly.type
_entity_poly.pdbx_seq_one_letter_code
_entity_poly.pdbx_strand_id
1 'polypeptide(L)'
;GPNQTLNSSGTVESALNYSRGSTVHTAYLVLSSLAMFTCLCGMAGNSMVIWLLGFRMHRNPFCIYILNLAAADLLFLFSM
ASTLSLETQPLVNTTDKVHELMKRLMYFAYTVGLSLLTAISTQRCLSVLFPIWFKCHRPRHLSAWVCGLLWTLCLLMNGL
TSSFCSKFLKFNEDRCFRVDMVQAALIMGVLTPVMTLSSLTLFVWVRRSSQQWRRQPTRLFVVVLASVLVFLICSLPLSI
YWFVLYWLSLPPEMQVLCFSLSRLSSSVSSSANPVIYFLVGSRRSHRLPTRSLGTVLQQALREEPELEGGETPTVGTNEM
GA
;
A
2 'polypeptide(L)'
;MGSTVSAEDKAAAERSKMIDKNLREDGEKARRTLRLLLLGADNSGKSTIVKQMRILHGGSGGSGGTSGIFETKFQVDKVN
FHMFDVGGQRDERRKWIQCFNDVTAIIFVVDSSDYNRLQEALNDFKSIWNNRWLRTISVILFLNKQDLLAEKVLAGKSKI
EDYFPEFARYTTPEDATPEPGEDPRVTRAKYFIRKEFVDISTASGDGRHICYPHFTCAVDTENARRIFNDCKDIILQMNL
REYNLV
;
B
3 'polypeptide(L)'
;GPGSSGSELDQLRQEAEQLKNQIRDARKACADATLSQITNNIDPVGRIQMRTRRTLRGHLAKIYAMHWGTDSRLLVSASQ
DGKLIIWDSYTTNKVHAIPLRSSWVMTCAYAPSGNYVACGGLDNICSIYNLKTREGNVRVSRELAGHTGYLSCCRFLDDN
QIVTSSGDTTCALWDIETGQQTTTFTGHTGDVMSLSLAPDTRLFVSGACDASAKLWDVREGMCRQTFTGHESDINAICFF
PNGNAFATGSDDATCRLFDLRADQELMTYSHDNIICGITSVSFSKSGRLLLAGYDDFNCNVWDALKADRAGVLAGHDNRV
SCLGVTDDGMAVATGSWDSFLKIWN
;
C
4 'polypeptide(L)' MASNNTASIAQARKLVEQLKMEANIDRIKVSKAAADLMAYCEAHAKEDPLLTPVPASENPFREKKFFCAIL D
5 'polypeptide(L)'
;DVQLVESGGGLVQPGGSRKLSCSASGFAFSSFGMHWVRQAPEKGLEWVAYISSGSGTIYYADTVKGRFTISRDDPKNTLF
LQMTSLRSEDTAMYYCVRSIYYYGSSPFDFWGQGTTLTVSSGGGGSGGGGSGGGGSDIVMTQATSSVPVTPGESVSISCR
SSKSLLHSNGNTYLYWFLQRPGQSPQLLIYRMSNLASGVPDRFSGSGSGTAFTLTISRLEAEDVGVYYCMQHLEYPLTFG
AGTKLELKAAALEVLFQ
;
E
#
loop_
_chem_comp.id
_chem_comp.type
_chem_comp.name
_chem_comp.formula
A1BE2 non-polymer 2-({1-[2-(4-chlorophenyl)-2-methylpropanoyl]piperidin-4-yl}amino)-5,6,7,8-tetrahydroquinazolin-4(3H)-one 'C23 H29 Cl N4 O2'
#
# COMPACT_ATOMS: atom_id res chain seq x y z
N SER A 22 35.34 -52.20 -21.72
CA SER A 22 34.54 -52.22 -22.94
C SER A 22 33.04 -52.20 -22.61
N THR A 23 32.51 -53.36 -22.20
CA THR A 23 31.10 -53.45 -21.87
C THR A 23 30.74 -52.53 -20.72
N VAL A 24 31.60 -52.47 -19.71
CA VAL A 24 31.42 -51.49 -18.63
C VAL A 24 31.48 -50.08 -19.21
N HIS A 25 32.35 -49.85 -20.18
CA HIS A 25 32.46 -48.57 -20.84
C HIS A 25 31.40 -48.33 -21.90
N THR A 26 30.62 -49.35 -22.26
CA THR A 26 29.60 -49.16 -23.29
C THR A 26 28.51 -48.23 -22.81
N ALA A 27 27.95 -48.49 -21.63
CA ALA A 27 26.89 -47.63 -21.12
C ALA A 27 27.42 -46.31 -20.59
N TYR A 28 28.74 -46.20 -20.40
CA TYR A 28 29.34 -45.01 -19.83
C TYR A 28 29.31 -43.82 -20.78
N LEU A 29 28.96 -44.03 -22.04
CA LEU A 29 28.73 -42.95 -22.98
C LEU A 29 27.25 -42.62 -23.14
N VAL A 30 26.38 -43.62 -23.21
CA VAL A 30 24.95 -43.36 -23.34
C VAL A 30 24.41 -42.69 -22.09
N LEU A 31 24.76 -43.21 -20.92
CA LEU A 31 24.32 -42.59 -19.68
C LEU A 31 24.91 -41.19 -19.54
N SER A 32 26.16 -41.01 -19.93
CA SER A 32 26.78 -39.69 -19.87
C SER A 32 26.07 -38.70 -20.78
N SER A 33 25.71 -39.13 -21.99
CA SER A 33 25.01 -38.24 -22.91
C SER A 33 23.63 -37.87 -22.37
N LEU A 34 22.89 -38.86 -21.86
CA LEU A 34 21.58 -38.55 -21.29
C LEU A 34 21.71 -37.64 -20.08
N ALA A 35 22.72 -37.87 -19.24
CA ALA A 35 22.93 -37.02 -18.08
C ALA A 35 23.26 -35.61 -18.49
N MET A 36 24.11 -35.44 -19.51
CA MET A 36 24.44 -34.10 -19.98
C MET A 36 23.23 -33.40 -20.56
N PHE A 37 22.41 -34.13 -21.32
CA PHE A 37 21.22 -33.52 -21.90
C PHE A 37 20.24 -33.08 -20.82
N THR A 38 20.02 -33.95 -19.82
CA THR A 38 19.13 -33.59 -18.72
C THR A 38 19.72 -32.43 -17.92
N CYS A 39 21.05 -32.39 -17.77
CA CYS A 39 21.68 -31.29 -17.05
C CYS A 39 21.47 -29.97 -17.79
N LEU A 40 21.62 -29.98 -19.11
CA LEU A 40 21.37 -28.76 -19.88
C LEU A 40 19.92 -28.33 -19.77
N CYS A 41 18.99 -29.29 -19.89
CA CYS A 41 17.57 -28.94 -19.80
C CYS A 41 17.23 -28.39 -18.42
N GLY A 42 17.76 -29.01 -17.36
CA GLY A 42 17.49 -28.52 -16.02
C GLY A 42 18.13 -27.18 -15.75
N MET A 43 19.34 -26.95 -16.27
CA MET A 43 19.97 -25.64 -16.12
C MET A 43 19.14 -24.57 -16.80
N ALA A 44 18.66 -24.84 -18.01
CA ALA A 44 17.79 -23.88 -18.69
C ALA A 44 16.51 -23.66 -17.90
N GLY A 45 15.90 -24.73 -17.39
CA GLY A 45 14.66 -24.58 -16.64
C GLY A 45 14.83 -23.79 -15.36
N ASN A 46 15.88 -24.10 -14.59
CA ASN A 46 16.14 -23.37 -13.36
C ASN A 46 16.47 -21.91 -13.62
N SER A 47 17.25 -21.64 -14.68
CA SER A 47 17.53 -20.25 -15.04
C SER A 47 16.25 -19.51 -15.40
N MET A 48 15.37 -20.16 -16.16
CA MET A 48 14.10 -19.53 -16.51
C MET A 48 13.25 -19.28 -15.26
N VAL A 49 13.23 -20.25 -14.34
CA VAL A 49 12.46 -20.09 -13.10
C VAL A 49 12.99 -18.93 -12.28
N ILE A 50 14.31 -18.81 -12.18
CA ILE A 50 14.91 -17.71 -11.43
C ILE A 50 14.59 -16.38 -12.12
N TRP A 51 14.63 -16.37 -13.45
CA TRP A 51 14.32 -15.15 -14.18
C TRP A 51 12.88 -14.71 -13.94
N LEU A 52 11.94 -15.66 -13.95
CA LEU A 52 10.55 -15.31 -13.67
C LEU A 52 10.39 -14.77 -12.26
N LEU A 53 11.08 -15.36 -11.29
CA LEU A 53 11.00 -14.91 -9.90
C LEU A 53 12.19 -14.02 -9.57
N PRO A 61 6.80 -16.46 0.80
CA PRO A 61 6.40 -17.75 1.37
C PRO A 61 6.91 -18.92 0.52
N PHE A 62 6.18 -19.26 -0.54
CA PHE A 62 6.63 -20.29 -1.46
C PHE A 62 7.79 -19.81 -2.30
N CYS A 63 7.73 -18.54 -2.74
CA CYS A 63 8.65 -18.04 -3.75
C CYS A 63 10.10 -18.06 -3.25
N ILE A 64 10.33 -17.71 -1.99
CA ILE A 64 11.70 -17.65 -1.48
C ILE A 64 12.35 -19.03 -1.54
N TYR A 65 11.65 -20.05 -1.03
CA TYR A 65 12.18 -21.40 -1.08
C TYR A 65 12.35 -21.88 -2.50
N ILE A 66 11.40 -21.55 -3.38
CA ILE A 66 11.50 -22.07 -4.74
C ILE A 66 12.67 -21.41 -5.46
N LEU A 67 12.91 -20.13 -5.20
CA LEU A 67 14.07 -19.45 -5.78
C LEU A 67 15.37 -20.03 -5.25
N ASN A 68 15.46 -20.25 -3.94
CA ASN A 68 16.68 -20.82 -3.37
C ASN A 68 16.94 -22.21 -3.92
N LEU A 69 15.91 -23.05 -4.01
CA LEU A 69 16.07 -24.39 -4.54
C LEU A 69 16.41 -24.35 -6.02
N ALA A 70 15.84 -23.41 -6.76
CA ALA A 70 16.19 -23.26 -8.18
C ALA A 70 17.65 -22.86 -8.34
N ALA A 71 18.14 -21.96 -7.48
CA ALA A 71 19.55 -21.58 -7.54
C ALA A 71 20.43 -22.78 -7.23
N ALA A 72 20.07 -23.55 -6.21
CA ALA A 72 20.83 -24.75 -5.89
C ALA A 72 20.84 -25.73 -7.05
N ASP A 73 19.69 -25.93 -7.69
CA ASP A 73 19.61 -26.86 -8.80
C ASP A 73 20.41 -26.37 -10.00
N LEU A 74 20.38 -25.05 -10.26
CA LEU A 74 21.18 -24.50 -11.35
C LEU A 74 22.66 -24.69 -11.09
N LEU A 75 23.12 -24.43 -9.86
CA LEU A 75 24.50 -24.67 -9.52
C LEU A 75 24.85 -26.14 -9.72
N PHE A 76 23.98 -27.03 -9.25
CA PHE A 76 24.22 -28.46 -9.33
C PHE A 76 24.32 -28.91 -10.78
N LEU A 77 23.43 -28.43 -11.63
CA LEU A 77 23.42 -28.89 -13.02
C LEU A 77 24.52 -28.26 -13.84
N PHE A 78 24.90 -27.01 -13.56
CA PHE A 78 26.08 -26.44 -14.19
C PHE A 78 27.33 -27.24 -13.79
N SER A 79 27.43 -27.61 -12.52
CA SER A 79 28.52 -28.47 -12.08
C SER A 79 28.44 -29.84 -12.75
N MET A 80 27.23 -30.32 -13.03
CA MET A 80 27.06 -31.59 -13.72
C MET A 80 27.65 -31.51 -15.12
N ALA A 81 27.27 -30.49 -15.87
CA ALA A 81 27.82 -30.30 -17.21
C ALA A 81 29.33 -30.13 -17.15
N SER A 82 29.81 -29.37 -16.16
CA SER A 82 31.25 -29.13 -16.03
C SER A 82 32.00 -30.43 -15.78
N THR A 83 31.49 -31.29 -14.89
CA THR A 83 32.22 -32.51 -14.59
C THR A 83 32.16 -33.49 -15.74
N LEU A 84 31.04 -33.51 -16.49
CA LEU A 84 31.00 -34.31 -17.71
C LEU A 84 32.07 -33.84 -18.69
N SER A 85 32.10 -32.53 -18.97
CA SER A 85 33.05 -32.00 -19.93
C SER A 85 34.48 -32.25 -19.49
N LEU A 86 34.77 -32.07 -18.21
CA LEU A 86 36.14 -32.22 -17.74
C LEU A 86 36.57 -33.69 -17.74
N GLU A 87 35.68 -34.60 -17.32
CA GLU A 87 35.98 -36.01 -17.38
C GLU A 87 36.14 -36.51 -18.81
N THR A 88 35.56 -35.80 -19.79
CA THR A 88 35.73 -36.26 -21.17
C THR A 88 37.17 -36.09 -21.69
N GLN A 89 38.14 -35.69 -20.89
CA GLN A 89 39.51 -35.49 -21.31
C GLN A 89 40.46 -36.15 -20.32
N PRO A 90 41.67 -36.49 -20.76
CA PRO A 90 42.66 -37.03 -19.81
C PRO A 90 42.98 -36.04 -18.70
N LEU A 91 43.24 -36.58 -17.51
CA LEU A 91 43.42 -35.76 -16.32
C LEU A 91 44.82 -35.14 -16.27
N VAL A 92 44.88 -33.88 -15.85
CA VAL A 92 46.11 -33.14 -15.63
C VAL A 92 46.03 -32.54 -14.24
N ASN A 93 47.20 -32.19 -13.68
CA ASN A 93 47.26 -31.70 -12.31
C ASN A 93 46.34 -30.51 -12.09
N THR A 94 46.47 -29.47 -12.92
CA THR A 94 45.53 -28.35 -12.84
C THR A 94 44.13 -28.79 -13.24
N THR A 95 44.02 -29.65 -14.25
CA THR A 95 42.73 -30.20 -14.64
C THR A 95 42.10 -30.95 -13.48
N ASP A 96 42.89 -31.77 -12.78
CA ASP A 96 42.35 -32.48 -11.62
C ASP A 96 41.99 -31.52 -10.49
N LYS A 97 42.72 -30.42 -10.33
CA LYS A 97 42.35 -29.41 -9.34
C LYS A 97 40.98 -28.83 -9.65
N VAL A 98 40.75 -28.47 -10.92
CA VAL A 98 39.45 -27.96 -11.33
C VAL A 98 38.37 -29.02 -11.13
N HIS A 99 38.70 -30.28 -11.41
CA HIS A 99 37.76 -31.36 -11.23
C HIS A 99 37.32 -31.48 -9.78
N GLU A 100 38.29 -31.43 -8.86
CA GLU A 100 37.96 -31.50 -7.45
C GLU A 100 37.11 -30.32 -7.01
N LEU A 101 37.44 -29.12 -7.50
CA LEU A 101 36.65 -27.94 -7.13
C LEU A 101 35.20 -28.08 -7.60
N MET A 102 35.01 -28.47 -8.86
CA MET A 102 33.66 -28.64 -9.38
C MET A 102 32.93 -29.77 -8.65
N LYS A 103 33.66 -30.82 -8.29
CA LYS A 103 33.06 -31.92 -7.54
C LYS A 103 32.52 -31.43 -6.20
N ARG A 104 33.31 -30.65 -5.48
CA ARG A 104 32.88 -30.20 -4.16
C ARG A 104 31.74 -29.19 -4.26
N LEU A 105 31.78 -28.33 -5.28
CA LEU A 105 30.64 -27.43 -5.48
C LEU A 105 29.38 -28.20 -5.82
N MET A 106 29.51 -29.27 -6.62
CA MET A 106 28.39 -30.16 -6.89
C MET A 106 27.79 -30.70 -5.61
N TYR A 107 28.62 -31.28 -4.76
CA TYR A 107 28.07 -31.92 -3.56
C TYR A 107 27.47 -30.90 -2.60
N PHE A 108 28.07 -29.71 -2.51
CA PHE A 108 27.48 -28.64 -1.70
C PHE A 108 26.11 -28.24 -2.23
N ALA A 109 25.99 -28.12 -3.56
CA ALA A 109 24.69 -27.80 -4.16
C ALA A 109 23.68 -28.92 -3.92
N TYR A 110 24.12 -30.17 -3.99
CA TYR A 110 23.23 -31.30 -3.74
C TYR A 110 22.69 -31.26 -2.32
N THR A 111 23.56 -30.99 -1.36
CA THR A 111 23.12 -30.93 0.03
C THR A 111 22.15 -29.78 0.26
N VAL A 112 22.44 -28.60 -0.31
CA VAL A 112 21.51 -27.49 -0.09
C VAL A 112 20.18 -27.73 -0.79
N GLY A 113 20.20 -28.39 -1.96
CA GLY A 113 18.95 -28.73 -2.62
C GLY A 113 18.10 -29.69 -1.81
N LEU A 114 18.74 -30.71 -1.23
CA LEU A 114 18.01 -31.63 -0.35
C LEU A 114 17.44 -30.90 0.85
N SER A 115 18.25 -30.03 1.47
CA SER A 115 17.78 -29.25 2.61
C SER A 115 16.57 -28.42 2.24
N LEU A 116 16.60 -27.77 1.08
CA LEU A 116 15.49 -26.92 0.68
C LEU A 116 14.24 -27.73 0.37
N LEU A 117 14.39 -28.88 -0.28
CA LEU A 117 13.25 -29.76 -0.50
C LEU A 117 12.58 -30.10 0.82
N THR A 118 13.39 -30.49 1.82
CA THR A 118 12.88 -30.67 3.17
C THR A 118 12.14 -29.43 3.67
N ALA A 119 12.70 -28.25 3.40
CA ALA A 119 12.09 -27.02 3.91
C ALA A 119 10.69 -26.81 3.32
N ILE A 120 10.53 -26.99 2.01
CA ILE A 120 9.20 -26.86 1.41
C ILE A 120 8.25 -27.92 1.95
N SER A 121 8.72 -29.14 2.13
CA SER A 121 7.82 -30.17 2.66
C SER A 121 7.30 -29.78 4.04
N THR A 122 8.19 -29.32 4.92
CA THR A 122 7.78 -28.92 6.25
C THR A 122 6.87 -27.70 6.20
N GLN A 123 7.14 -26.77 5.28
CA GLN A 123 6.29 -25.59 5.16
C GLN A 123 4.87 -25.95 4.75
N ARG A 124 4.72 -26.86 3.79
CA ARG A 124 3.39 -27.32 3.41
C ARG A 124 2.70 -28.02 4.56
N CYS A 125 3.43 -28.89 5.27
CA CYS A 125 2.84 -29.59 6.38
C CYS A 125 2.35 -28.63 7.45
N LEU A 126 3.09 -27.54 7.68
CA LEU A 126 2.67 -26.57 8.67
C LEU A 126 1.45 -25.80 8.18
N SER A 127 1.44 -25.40 6.92
CA SER A 127 0.30 -24.65 6.38
C SER A 127 -0.97 -25.47 6.41
N VAL A 128 -0.87 -26.80 6.41
CA VAL A 128 -2.06 -27.62 6.63
C VAL A 128 -2.35 -27.81 8.11
N LEU A 129 -1.33 -28.08 8.93
CA LEU A 129 -1.57 -28.45 10.32
C LEU A 129 -2.04 -27.27 11.15
N PHE A 130 -1.42 -26.11 10.98
CA PHE A 130 -1.77 -24.91 11.72
C PHE A 130 -2.03 -23.78 10.75
N PRO A 131 -3.19 -23.80 10.08
CA PRO A 131 -3.50 -22.72 9.14
C PRO A 131 -3.55 -21.35 9.78
N ILE A 132 -4.16 -21.25 10.97
CA ILE A 132 -4.29 -19.95 11.61
C ILE A 132 -2.96 -19.44 12.11
N TRP A 133 -2.14 -20.31 12.70
CA TRP A 133 -0.79 -19.90 13.07
C TRP A 133 0.00 -19.49 11.84
N PHE A 134 -0.08 -20.29 10.77
CA PHE A 134 0.65 -20.00 9.55
C PHE A 134 0.26 -18.65 8.98
N LYS A 135 -1.02 -18.28 9.09
CA LYS A 135 -1.46 -17.04 8.48
C LYS A 135 -1.25 -15.83 9.38
N CYS A 136 -1.33 -16.01 10.70
CA CYS A 136 -1.33 -14.89 11.62
C CYS A 136 -0.03 -14.72 12.38
N HIS A 137 0.50 -15.79 12.98
CA HIS A 137 1.63 -15.68 13.90
C HIS A 137 2.91 -16.27 13.34
N ARG A 138 3.06 -16.26 12.04
CA ARG A 138 4.29 -16.76 11.45
C ARG A 138 5.17 -15.59 11.03
N PRO A 139 6.45 -15.60 11.40
CA PRO A 139 7.32 -14.46 11.07
C PRO A 139 7.34 -14.19 9.57
N ARG A 140 7.30 -12.92 9.22
CA ARG A 140 7.22 -12.52 7.82
C ARG A 140 8.50 -12.82 7.05
N HIS A 141 9.59 -13.17 7.74
CA HIS A 141 10.87 -13.41 7.09
C HIS A 141 11.44 -14.78 7.43
N LEU A 142 10.61 -15.71 7.91
CA LEU A 142 11.14 -17.01 8.34
C LEU A 142 11.76 -17.76 7.18
N SER A 143 11.29 -17.53 5.95
CA SER A 143 11.90 -18.20 4.81
C SER A 143 13.33 -17.74 4.61
N ALA A 144 13.59 -16.44 4.74
CA ALA A 144 14.95 -15.94 4.60
C ALA A 144 15.83 -16.47 5.72
N TRP A 145 15.33 -16.47 6.96
CA TRP A 145 16.11 -16.99 8.08
C TRP A 145 16.46 -18.46 7.87
N VAL A 146 15.47 -19.26 7.49
CA VAL A 146 15.69 -20.69 7.30
C VAL A 146 16.64 -20.92 6.12
N CYS A 147 16.46 -20.19 5.03
CA CYS A 147 17.34 -20.36 3.89
C CYS A 147 18.77 -20.00 4.25
N GLY A 148 18.96 -18.92 5.00
CA GLY A 148 20.29 -18.57 5.47
C GLY A 148 20.90 -19.64 6.35
N LEU A 149 20.11 -20.18 7.28
CA LEU A 149 20.62 -21.22 8.16
C LEU A 149 21.00 -22.47 7.35
N LEU A 150 20.15 -22.86 6.40
CA LEU A 150 20.43 -24.04 5.60
C LEU A 150 21.70 -23.85 4.77
N TRP A 151 21.79 -22.72 4.06
CA TRP A 151 22.97 -22.45 3.26
C TRP A 151 24.23 -22.42 4.12
N THR A 152 24.18 -21.76 5.27
CA THR A 152 25.36 -21.61 6.11
C THR A 152 25.79 -22.94 6.71
N LEU A 153 24.85 -23.68 7.30
CA LEU A 153 25.20 -24.95 7.92
C LEU A 153 25.69 -25.95 6.89
N CYS A 154 25.02 -26.01 5.74
CA CYS A 154 25.47 -26.91 4.68
C CYS A 154 26.85 -26.52 4.16
N LEU A 155 27.10 -25.21 3.99
CA LEU A 155 28.42 -24.76 3.55
C LEU A 155 29.48 -25.14 4.55
N LEU A 156 29.21 -24.98 5.84
CA LEU A 156 30.18 -25.33 6.87
C LEU A 156 30.50 -26.82 6.83
N MET A 157 29.46 -27.65 6.85
CA MET A 157 29.68 -29.10 6.90
C MET A 157 30.36 -29.59 5.63
N ASN A 158 29.92 -29.10 4.46
CA ASN A 158 30.53 -29.54 3.22
C ASN A 158 31.94 -28.98 3.05
N GLY A 159 32.23 -27.81 3.60
CA GLY A 159 33.60 -27.33 3.59
C GLY A 159 34.50 -28.17 4.46
N LEU A 160 34.00 -28.60 5.63
CA LEU A 160 34.77 -29.53 6.45
C LEU A 160 35.04 -30.81 5.69
N THR A 161 34.02 -31.33 5.00
CA THR A 161 34.19 -32.55 4.22
C THR A 161 35.19 -32.34 3.09
N SER A 162 35.12 -31.21 2.40
CA SER A 162 36.05 -30.95 1.31
C SER A 162 37.48 -30.82 1.81
N SER A 163 37.66 -30.08 2.90
CA SER A 163 39.00 -29.88 3.44
C SER A 163 39.62 -31.20 3.88
N PHE A 164 38.83 -32.07 4.50
CA PHE A 164 39.37 -33.34 4.97
C PHE A 164 39.11 -34.49 4.00
N CYS A 165 38.72 -34.19 2.76
CA CYS A 165 38.42 -35.22 1.78
C CYS A 165 38.97 -34.94 0.39
N SER A 166 39.37 -33.72 0.07
CA SER A 166 39.91 -33.42 -1.24
C SER A 166 41.29 -34.07 -1.42
N LYS A 167 41.54 -34.58 -2.62
CA LYS A 167 42.85 -35.16 -2.94
C LYS A 167 43.95 -34.11 -2.96
N PHE A 168 43.59 -32.83 -3.01
CA PHE A 168 44.55 -31.74 -3.08
C PHE A 168 44.46 -30.84 -1.85
N LEU A 169 43.95 -31.36 -0.74
CA LEU A 169 43.76 -30.62 0.50
C LEU A 169 44.18 -31.54 1.63
N LYS A 170 43.69 -31.25 2.84
CA LYS A 170 44.20 -31.85 4.07
C LYS A 170 43.78 -33.31 4.20
N PHE A 171 43.62 -33.95 3.04
CA PHE A 171 43.23 -35.34 2.83
C PHE A 171 43.74 -36.26 3.94
N ASN A 172 42.84 -37.05 4.49
CA ASN A 172 43.10 -37.87 5.66
C ASN A 172 42.00 -38.92 5.75
N GLU A 173 42.38 -40.19 5.91
CA GLU A 173 41.39 -41.26 5.91
C GLU A 173 40.40 -41.10 7.05
N ASP A 174 40.90 -40.88 8.26
CA ASP A 174 40.00 -40.84 9.41
C ASP A 174 39.10 -39.61 9.38
N ARG A 175 39.67 -38.44 9.07
CA ARG A 175 38.86 -37.23 9.04
C ARG A 175 37.80 -37.30 7.94
N CYS A 176 38.19 -37.77 6.76
CA CYS A 176 37.22 -37.91 5.67
C CYS A 176 36.13 -38.91 6.03
N PHE A 177 36.49 -40.04 6.65
CA PHE A 177 35.48 -41.01 7.02
C PHE A 177 34.53 -40.44 8.06
N ARG A 178 35.06 -39.74 9.06
CA ARG A 178 34.21 -39.20 10.12
C ARG A 178 33.26 -38.15 9.56
N VAL A 179 33.77 -37.26 8.72
CA VAL A 179 32.93 -36.18 8.19
C VAL A 179 31.90 -36.75 7.21
N ASP A 180 32.28 -37.77 6.41
CA ASP A 180 31.31 -38.40 5.53
C ASP A 180 30.22 -39.09 6.33
N MET A 181 30.59 -39.79 7.41
CA MET A 181 29.57 -40.45 8.22
C MET A 181 28.64 -39.46 8.86
N VAL A 182 29.16 -38.33 9.36
CA VAL A 182 28.27 -37.37 9.99
C VAL A 182 27.34 -36.74 8.95
N GLN A 183 27.87 -36.43 7.76
CA GLN A 183 27.02 -35.85 6.71
C GLN A 183 25.95 -36.83 6.26
N ALA A 184 26.33 -38.09 6.04
CA ALA A 184 25.39 -39.09 5.58
C ALA A 184 24.33 -39.38 6.63
N ALA A 185 24.74 -39.47 7.89
CA ALA A 185 23.77 -39.65 8.96
C ALA A 185 22.81 -38.49 8.99
N LEU A 186 23.33 -37.26 8.83
CA LEU A 186 22.45 -36.11 8.82
C LEU A 186 21.41 -36.23 7.72
N ILE A 187 21.84 -36.47 6.48
CA ILE A 187 20.87 -36.54 5.39
C ILE A 187 19.91 -37.70 5.61
N MET A 188 20.41 -38.94 5.56
CA MET A 188 19.53 -40.09 5.59
C MET A 188 19.04 -40.45 7.00
N GLY A 189 19.11 -39.56 7.97
CA GLY A 189 18.44 -39.80 9.22
C GLY A 189 17.72 -38.59 9.78
N VAL A 190 17.90 -37.42 9.16
CA VAL A 190 17.19 -36.23 9.60
C VAL A 190 16.45 -35.63 8.40
N LEU A 191 17.13 -35.48 7.27
CA LEU A 191 16.59 -34.68 6.18
C LEU A 191 15.56 -35.45 5.35
N THR A 192 15.86 -36.69 4.97
CA THR A 192 14.83 -37.43 4.25
C THR A 192 13.68 -37.89 5.15
N PRO A 193 13.90 -38.30 6.41
CA PRO A 193 12.74 -38.66 7.23
C PRO A 193 11.75 -37.54 7.40
N VAL A 194 12.21 -36.30 7.58
CA VAL A 194 11.26 -35.21 7.79
C VAL A 194 10.51 -34.90 6.50
N MET A 195 11.20 -34.94 5.35
CA MET A 195 10.51 -34.79 4.07
C MET A 195 9.39 -35.81 3.93
N THR A 196 9.73 -37.09 4.13
CA THR A 196 8.74 -38.15 3.95
C THR A 196 7.60 -38.02 4.95
N LEU A 197 7.91 -37.85 6.23
CA LEU A 197 6.87 -37.80 7.24
C LEU A 197 5.99 -36.56 7.09
N SER A 198 6.57 -35.42 6.73
CA SER A 198 5.76 -34.22 6.55
C SER A 198 4.84 -34.34 5.36
N SER A 199 5.31 -34.88 4.24
CA SER A 199 4.43 -35.08 3.11
C SER A 199 3.33 -36.09 3.42
N LEU A 200 3.66 -37.17 4.14
CA LEU A 200 2.64 -38.13 4.56
C LEU A 200 1.61 -37.49 5.48
N THR A 201 2.06 -36.64 6.40
CA THR A 201 1.15 -35.96 7.30
C THR A 201 0.23 -35.01 6.55
N LEU A 202 0.76 -34.30 5.55
CA LEU A 202 -0.09 -33.46 4.73
C LEU A 202 -1.14 -34.30 4.01
N PHE A 203 -0.73 -35.45 3.48
CA PHE A 203 -1.66 -36.36 2.83
C PHE A 203 -2.79 -36.76 3.78
N VAL A 204 -2.43 -37.16 5.00
CA VAL A 204 -3.43 -37.65 5.95
C VAL A 204 -4.38 -36.53 6.37
N TRP A 205 -3.83 -35.37 6.74
CA TRP A 205 -4.66 -34.27 7.23
C TRP A 205 -5.45 -33.57 6.13
N VAL A 206 -5.10 -33.74 4.87
CA VAL A 206 -5.98 -33.23 3.83
C VAL A 206 -7.03 -34.27 3.43
N ARG A 207 -6.66 -35.56 3.42
CA ARG A 207 -7.65 -36.60 3.13
C ARG A 207 -8.74 -36.63 4.19
N ARG A 208 -8.37 -36.46 5.47
CA ARG A 208 -9.39 -36.47 6.51
C ARG A 208 -10.20 -35.18 6.55
N SER A 209 -9.70 -34.11 5.94
CA SER A 209 -10.42 -32.84 5.92
C SER A 209 -11.20 -32.62 4.64
N SER A 210 -10.77 -33.22 3.53
CA SER A 210 -11.48 -33.13 2.26
C SER A 210 -12.56 -34.19 2.14
N GLN A 211 -12.90 -34.88 3.24
CA GLN A 211 -14.02 -35.80 3.26
C GLN A 211 -15.36 -35.11 3.11
N GLN A 212 -15.40 -33.78 3.23
CA GLN A 212 -16.63 -33.01 3.11
C GLN A 212 -16.44 -31.79 2.22
N TRP A 213 -15.60 -31.89 1.21
CA TRP A 213 -15.46 -30.83 0.20
C TRP A 213 -16.08 -31.29 -1.10
N ARG A 214 -16.62 -30.34 -1.85
CA ARG A 214 -17.08 -30.66 -3.21
C ARG A 214 -16.00 -30.39 -4.24
N ARG A 215 -14.79 -30.87 -3.95
CA ARG A 215 -13.74 -30.94 -4.95
C ARG A 215 -12.95 -32.24 -4.95
N GLN A 216 -12.79 -32.90 -3.80
CA GLN A 216 -11.91 -34.05 -3.61
C GLN A 216 -10.57 -33.79 -4.30
N PRO A 217 -9.73 -32.91 -3.74
CA PRO A 217 -8.56 -32.43 -4.47
C PRO A 217 -7.55 -33.51 -4.84
N THR A 218 -7.40 -33.75 -6.14
CA THR A 218 -6.44 -34.73 -6.63
C THR A 218 -5.13 -34.10 -7.10
N ARG A 219 -5.16 -32.83 -7.50
CA ARG A 219 -3.93 -32.16 -7.89
C ARG A 219 -2.94 -32.13 -6.75
N LEU A 220 -3.42 -31.83 -5.55
CA LEU A 220 -2.55 -31.85 -4.37
C LEU A 220 -1.96 -33.23 -4.16
N PHE A 221 -2.78 -34.27 -4.30
CA PHE A 221 -2.31 -35.62 -4.02
C PHE A 221 -1.22 -36.02 -4.99
N VAL A 222 -1.44 -35.78 -6.29
CA VAL A 222 -0.42 -36.14 -7.27
C VAL A 222 0.84 -35.31 -7.08
N VAL A 223 0.69 -34.03 -6.72
CA VAL A 223 1.87 -33.18 -6.52
C VAL A 223 2.71 -33.69 -5.35
N VAL A 224 2.05 -34.02 -4.24
CA VAL A 224 2.79 -34.46 -3.05
C VAL A 224 3.44 -35.81 -3.29
N LEU A 225 2.68 -36.75 -3.86
CA LEU A 225 3.27 -38.05 -4.18
C LEU A 225 4.45 -37.89 -5.13
N ALA A 226 4.33 -36.98 -6.10
CA ALA A 226 5.43 -36.76 -7.04
C ALA A 226 6.66 -36.21 -6.31
N SER A 227 6.46 -35.27 -5.40
CA SER A 227 7.60 -34.72 -4.67
C SER A 227 8.33 -35.80 -3.89
N VAL A 228 7.59 -36.59 -3.10
CA VAL A 228 8.23 -37.63 -2.31
C VAL A 228 8.90 -38.67 -3.20
N LEU A 229 8.21 -39.07 -4.28
CA LEU A 229 8.75 -40.09 -5.17
C LEU A 229 10.02 -39.62 -5.85
N VAL A 230 10.03 -38.39 -6.35
CA VAL A 230 11.22 -37.85 -6.99
C VAL A 230 12.36 -37.79 -5.98
N PHE A 231 12.09 -37.34 -4.76
CA PHE A 231 13.12 -37.36 -3.75
C PHE A 231 13.70 -38.76 -3.60
N LEU A 232 12.89 -39.70 -3.10
CA LEU A 232 13.38 -41.01 -2.70
C LEU A 232 13.83 -41.87 -3.87
N ILE A 233 13.54 -41.50 -5.11
CA ILE A 233 13.95 -42.31 -6.25
C ILE A 233 15.07 -41.67 -7.05
N CYS A 234 15.13 -40.34 -7.16
CA CYS A 234 16.08 -39.70 -8.04
C CYS A 234 17.03 -38.72 -7.37
N SER A 235 16.87 -38.42 -6.08
CA SER A 235 17.85 -37.57 -5.40
C SER A 235 18.69 -38.33 -4.41
N LEU A 236 18.08 -39.18 -3.61
CA LEU A 236 18.74 -39.97 -2.58
C LEU A 236 19.73 -41.02 -3.11
N PRO A 237 19.58 -41.55 -4.34
CA PRO A 237 20.54 -42.56 -4.80
C PRO A 237 22.00 -42.14 -4.79
N LEU A 238 22.33 -40.88 -5.05
CA LEU A 238 23.73 -40.47 -4.99
C LEU A 238 24.29 -40.66 -3.58
N SER A 239 23.53 -40.24 -2.57
CA SER A 239 23.93 -40.48 -1.19
C SER A 239 23.97 -41.96 -0.88
N ILE A 240 23.00 -42.73 -1.36
CA ILE A 240 22.96 -44.16 -1.09
C ILE A 240 24.22 -44.82 -1.60
N TYR A 241 24.67 -44.44 -2.80
CA TYR A 241 25.93 -44.95 -3.33
C TYR A 241 27.08 -44.55 -2.43
N TRP A 242 27.33 -43.24 -2.30
CA TRP A 242 28.50 -42.79 -1.54
C TRP A 242 28.47 -43.27 -0.09
N PHE A 243 27.38 -43.90 0.32
CA PHE A 243 27.35 -44.57 1.61
C PHE A 243 27.68 -46.06 1.49
N VAL A 244 27.07 -46.75 0.51
CA VAL A 244 27.26 -48.18 0.40
C VAL A 244 28.66 -48.52 -0.09
N LEU A 245 29.37 -47.54 -0.64
CA LEU A 245 30.75 -47.80 -1.07
C LEU A 245 31.62 -48.19 0.11
N TYR A 246 31.46 -47.54 1.25
CA TYR A 246 32.34 -47.78 2.39
C TYR A 246 32.24 -49.22 2.89
N TRP A 247 31.02 -49.76 2.96
CA TRP A 247 30.76 -51.00 3.66
C TRP A 247 30.25 -52.05 2.69
N LEU A 248 30.74 -53.28 2.82
CA LEU A 248 30.42 -54.36 1.90
C LEU A 248 30.77 -53.97 0.46
N SER A 249 32.07 -53.80 0.26
CA SER A 249 32.59 -53.28 -0.99
C SER A 249 32.14 -54.13 -2.18
N LEU A 250 32.00 -53.46 -3.32
CA LEU A 250 31.49 -54.04 -4.54
C LEU A 250 32.59 -54.20 -5.59
N PRO A 251 32.37 -55.04 -6.59
CA PRO A 251 33.32 -55.11 -7.70
C PRO A 251 33.37 -53.79 -8.47
N PRO A 252 34.48 -53.52 -9.16
CA PRO A 252 34.61 -52.21 -9.83
C PRO A 252 33.50 -51.92 -10.82
N GLU A 253 33.02 -52.92 -11.55
CA GLU A 253 32.00 -52.68 -12.55
C GLU A 253 30.71 -52.19 -11.89
N MET A 254 30.33 -52.78 -10.76
CA MET A 254 29.15 -52.33 -10.04
C MET A 254 29.30 -50.89 -9.61
N GLN A 255 30.48 -50.52 -9.11
CA GLN A 255 30.72 -49.14 -8.71
C GLN A 255 30.57 -48.19 -9.88
N VAL A 256 31.18 -48.52 -11.02
CA VAL A 256 31.15 -47.61 -12.16
C VAL A 256 29.72 -47.45 -12.66
N LEU A 257 29.01 -48.56 -12.82
CA LEU A 257 27.64 -48.49 -13.33
C LEU A 257 26.71 -47.77 -12.35
N CYS A 258 26.90 -48.00 -11.05
CA CYS A 258 26.02 -47.35 -10.08
C CYS A 258 26.27 -45.86 -10.04
N PHE A 259 27.53 -45.43 -10.12
CA PHE A 259 27.78 -44.00 -10.20
C PHE A 259 27.18 -43.40 -11.47
N SER A 260 27.33 -44.11 -12.60
CA SER A 260 26.80 -43.60 -13.86
C SER A 260 25.29 -43.44 -13.78
N LEU A 261 24.62 -44.39 -13.15
CA LEU A 261 23.18 -44.28 -12.97
C LEU A 261 22.83 -43.14 -12.03
N SER A 262 23.57 -43.02 -10.93
CA SER A 262 23.16 -42.10 -9.86
C SER A 262 23.34 -40.64 -10.27
N ARG A 263 24.41 -40.34 -11.01
CA ARG A 263 24.57 -38.96 -11.46
C ARG A 263 23.42 -38.56 -12.38
N LEU A 264 23.04 -39.45 -13.29
CA LEU A 264 21.90 -39.17 -14.17
C LEU A 264 20.61 -39.05 -13.37
N SER A 265 20.44 -39.89 -12.35
CA SER A 265 19.23 -39.84 -11.55
C SER A 265 19.12 -38.51 -10.80
N SER A 266 20.23 -38.04 -10.23
CA SER A 266 20.22 -36.72 -9.63
C SER A 266 19.94 -35.65 -10.66
N SER A 267 20.41 -35.84 -11.89
CA SER A 267 20.07 -34.88 -12.95
C SER A 267 18.57 -34.84 -13.20
N VAL A 268 17.93 -36.01 -13.25
CA VAL A 268 16.49 -36.03 -13.47
C VAL A 268 15.75 -35.40 -12.29
N SER A 269 16.23 -35.61 -11.07
CA SER A 269 15.61 -34.98 -9.91
C SER A 269 15.72 -33.46 -9.98
N SER A 270 16.90 -32.93 -10.24
CA SER A 270 17.09 -31.49 -10.33
C SER A 270 16.50 -30.90 -11.59
N SER A 271 16.09 -31.73 -12.55
CA SER A 271 15.33 -31.23 -13.68
C SER A 271 13.83 -31.25 -13.42
N ALA A 272 13.35 -32.18 -12.59
CA ALA A 272 11.94 -32.28 -12.28
C ALA A 272 11.51 -31.37 -11.14
N ASN A 273 12.45 -30.93 -10.29
CA ASN A 273 12.11 -30.00 -9.23
C ASN A 273 11.46 -28.71 -9.74
N PRO A 274 12.00 -28.02 -10.74
CA PRO A 274 11.37 -26.76 -11.16
C PRO A 274 9.96 -26.95 -11.67
N VAL A 275 9.68 -28.06 -12.37
CA VAL A 275 8.33 -28.31 -12.85
C VAL A 275 7.37 -28.44 -11.68
N ILE A 276 7.64 -29.39 -10.79
CA ILE A 276 6.73 -29.68 -9.68
C ILE A 276 6.53 -28.46 -8.80
N TYR A 277 7.54 -27.62 -8.67
CA TYR A 277 7.44 -26.50 -7.75
C TYR A 277 7.11 -25.18 -8.42
N PHE A 278 6.96 -25.14 -9.73
CA PHE A 278 6.54 -23.88 -10.33
C PHE A 278 5.30 -24.01 -11.21
N LEU A 279 5.23 -25.04 -12.05
CA LEU A 279 4.12 -25.15 -12.98
C LEU A 279 2.88 -25.76 -12.36
N VAL A 280 3.00 -26.40 -11.21
CA VAL A 280 1.86 -26.99 -10.52
C VAL A 280 1.92 -26.61 -9.05
N VAL B 5 22.58 13.62 -1.54
CA VAL B 5 21.62 13.94 -0.50
C VAL B 5 22.21 14.93 0.50
N SER B 6 21.39 15.89 0.93
CA SER B 6 21.79 16.88 1.92
C SER B 6 21.38 16.45 3.31
N ALA B 7 21.85 17.19 4.31
CA ALA B 7 21.55 16.84 5.70
C ALA B 7 20.05 16.83 5.95
N GLU B 8 19.35 17.84 5.43
CA GLU B 8 17.89 17.86 5.45
C GLU B 8 17.31 16.60 4.84
N ASP B 9 17.79 16.23 3.65
CA ASP B 9 17.24 15.07 2.95
C ASP B 9 17.58 13.76 3.65
N LYS B 10 18.80 13.65 4.20
CA LYS B 10 19.15 12.46 4.97
C LYS B 10 18.25 12.32 6.19
N ALA B 11 17.99 13.41 6.89
CA ALA B 11 17.14 13.35 8.06
C ALA B 11 15.70 13.01 7.69
N ALA B 12 15.23 13.53 6.56
CA ALA B 12 13.91 13.15 6.07
C ALA B 12 13.84 11.67 5.74
N ALA B 13 14.91 11.12 5.15
CA ALA B 13 14.95 9.69 4.86
C ALA B 13 14.90 8.88 6.15
N GLU B 14 15.62 9.33 7.18
CA GLU B 14 15.57 8.65 8.47
C GLU B 14 14.16 8.66 9.05
N ARG B 15 13.49 9.81 8.96
CA ARG B 15 12.11 9.90 9.42
C ARG B 15 11.20 8.94 8.65
N SER B 16 11.40 8.84 7.33
CA SER B 16 10.62 7.92 6.53
C SER B 16 10.87 6.48 6.95
N LYS B 17 12.11 6.14 7.27
CA LYS B 17 12.41 4.78 7.72
C LYS B 17 11.73 4.47 9.05
N MET B 18 11.67 5.46 9.94
CA MET B 18 10.94 5.24 11.19
C MET B 18 9.45 5.04 10.94
N ILE B 19 8.87 5.83 10.04
CA ILE B 19 7.47 5.61 9.65
C ILE B 19 7.29 4.21 9.10
N ASP B 20 8.25 3.75 8.30
CA ASP B 20 8.20 2.40 7.74
C ASP B 20 8.19 1.34 8.84
N LYS B 21 9.05 1.51 9.85
CA LYS B 21 9.09 0.56 10.94
C LYS B 21 7.77 0.51 11.68
N ASN B 22 7.18 1.67 11.95
CA ASN B 22 5.87 1.68 12.61
C ASN B 22 4.80 1.06 11.72
N LEU B 23 4.93 1.21 10.40
CA LEU B 23 3.95 0.64 9.50
C LEU B 23 3.97 -0.88 9.54
N ARG B 24 5.16 -1.49 9.49
CA ARG B 24 5.20 -2.95 9.67
C ARG B 24 4.72 -3.38 11.05
N GLU B 25 5.01 -2.61 12.10
CA GLU B 25 4.49 -2.98 13.41
C GLU B 25 2.96 -3.04 13.39
N ASP B 26 2.33 -2.01 12.83
CA ASP B 26 0.87 -1.99 12.75
C ASP B 26 0.36 -3.11 11.86
N GLY B 27 1.08 -3.41 10.78
CA GLY B 27 0.66 -4.48 9.90
C GLY B 27 0.66 -5.84 10.57
N GLU B 28 1.70 -6.12 11.37
CA GLU B 28 1.72 -7.38 12.11
C GLU B 28 0.58 -7.44 13.12
N LYS B 29 0.40 -6.37 13.90
CA LYS B 29 -0.67 -6.35 14.89
C LYS B 29 -2.03 -6.50 14.22
N ALA B 30 -2.18 -6.01 13.00
CA ALA B 30 -3.44 -6.17 12.27
C ALA B 30 -3.59 -7.57 11.72
N ARG B 31 -2.50 -8.17 11.24
CA ARG B 31 -2.56 -9.50 10.68
C ARG B 31 -2.91 -10.54 11.72
N ARG B 32 -2.65 -10.25 13.00
CA ARG B 32 -2.94 -11.24 14.02
C ARG B 32 -4.44 -11.44 14.26
N THR B 33 -5.31 -10.64 13.64
CA THR B 33 -6.75 -10.77 13.85
C THR B 33 -7.46 -11.12 12.54
N LEU B 34 -8.60 -11.80 12.67
CA LEU B 34 -9.39 -12.26 11.54
C LEU B 34 -10.61 -11.37 11.37
N ARG B 35 -10.84 -10.90 10.14
CA ARG B 35 -11.94 -10.01 9.83
C ARG B 35 -13.14 -10.80 9.30
N LEU B 36 -14.32 -10.44 9.77
CA LEU B 36 -15.57 -11.05 9.38
C LEU B 36 -16.53 -9.97 8.90
N LEU B 37 -17.73 -10.38 8.49
CA LEU B 37 -18.76 -9.44 8.05
C LEU B 37 -20.12 -10.06 8.31
N LEU B 38 -20.94 -9.39 9.11
CA LEU B 38 -22.22 -9.94 9.56
C LEU B 38 -23.35 -9.35 8.71
N LEU B 39 -24.09 -10.21 8.04
CA LEU B 39 -25.17 -9.78 7.15
C LEU B 39 -26.48 -10.44 7.54
N GLY B 40 -27.56 -9.86 7.05
CA GLY B 40 -28.90 -10.25 7.42
C GLY B 40 -29.84 -9.05 7.37
N ALA B 41 -31.03 -9.22 6.81
CA ALA B 41 -31.89 -8.09 6.51
C ALA B 41 -32.31 -7.33 7.77
N ASP B 42 -33.10 -8.00 8.61
CA ASP B 42 -33.65 -7.45 9.85
C ASP B 42 -34.43 -8.59 10.49
N ASN B 43 -34.87 -8.36 11.72
CA ASN B 43 -35.63 -9.35 12.51
C ASN B 43 -35.06 -10.75 12.38
N SER B 44 -33.73 -10.85 12.23
CA SER B 44 -33.05 -12.10 12.01
C SER B 44 -32.16 -12.53 13.18
N GLY B 45 -32.06 -11.72 14.22
CA GLY B 45 -31.13 -12.01 15.29
C GLY B 45 -29.67 -11.89 14.91
N LYS B 46 -29.31 -10.87 14.13
CA LYS B 46 -27.90 -10.64 13.80
C LYS B 46 -27.07 -10.44 15.06
N SER B 47 -27.53 -9.59 15.95
CA SER B 47 -26.74 -9.12 17.07
C SER B 47 -26.59 -10.15 18.18
N THR B 48 -27.30 -11.27 18.11
CA THR B 48 -27.27 -12.27 19.17
C THR B 48 -26.58 -13.56 18.76
N ILE B 49 -25.90 -13.59 17.62
CA ILE B 49 -25.21 -14.81 17.22
C ILE B 49 -24.03 -15.09 18.14
N VAL B 50 -23.21 -14.09 18.41
CA VAL B 50 -22.10 -14.23 19.34
C VAL B 50 -22.37 -13.36 20.55
N LYS B 51 -23.04 -13.92 21.54
CA LYS B 51 -23.47 -13.17 22.70
C LYS B 51 -22.52 -13.40 23.86
N GLY B 68 -22.48 4.17 11.93
CA GLY B 68 -22.73 3.49 10.68
C GLY B 68 -22.16 2.09 10.63
N ILE B 69 -21.00 1.91 11.25
CA ILE B 69 -20.33 0.62 11.31
C ILE B 69 -20.21 0.23 12.77
N PHE B 70 -20.78 -0.93 13.12
CA PHE B 70 -20.65 -1.48 14.46
C PHE B 70 -19.69 -2.65 14.41
N GLU B 71 -18.57 -2.53 15.13
CA GLU B 71 -17.55 -3.55 15.18
C GLU B 71 -17.56 -4.23 16.54
N THR B 72 -17.50 -5.56 16.55
CA THR B 72 -17.48 -6.32 17.78
C THR B 72 -16.23 -7.19 17.86
N LYS B 73 -15.58 -7.17 19.02
CA LYS B 73 -14.49 -8.07 19.34
C LYS B 73 -15.04 -9.40 19.83
N PHE B 74 -14.27 -10.46 19.61
CA PHE B 74 -14.40 -11.69 20.37
C PHE B 74 -13.25 -12.61 20.00
N GLN B 75 -12.86 -13.46 20.95
CA GLN B 75 -11.72 -14.34 20.75
C GLN B 75 -12.08 -15.75 21.19
N VAL B 76 -11.74 -16.73 20.36
CA VAL B 76 -11.90 -18.14 20.71
C VAL B 76 -10.57 -18.84 20.41
N ASP B 77 -10.09 -19.61 21.38
CA ASP B 77 -8.82 -20.32 21.29
C ASP B 77 -7.68 -19.39 20.89
N LYS B 78 -7.61 -18.25 21.59
CA LYS B 78 -6.54 -17.28 21.41
C LYS B 78 -6.42 -16.79 19.97
N VAL B 79 -7.56 -16.67 19.28
CA VAL B 79 -7.60 -16.16 17.92
C VAL B 79 -8.49 -14.94 17.92
N ASN B 80 -7.97 -13.80 17.48
CA ASN B 80 -8.70 -12.56 17.50
C ASN B 80 -9.67 -12.50 16.32
N PHE B 81 -10.95 -12.24 16.63
CA PHE B 81 -12.00 -12.14 15.63
C PHE B 81 -12.63 -10.76 15.71
N HIS B 82 -13.03 -10.22 14.56
CA HIS B 82 -13.43 -8.82 14.53
C HIS B 82 -14.53 -8.67 13.47
N MET B 83 -15.79 -8.74 13.92
CA MET B 83 -16.93 -8.64 13.04
C MET B 83 -17.30 -7.19 12.76
N PHE B 84 -17.90 -6.98 11.60
CA PHE B 84 -18.41 -5.68 11.21
C PHE B 84 -19.80 -5.85 10.60
N ASP B 85 -20.67 -4.88 10.84
CA ASP B 85 -21.93 -4.79 10.13
C ASP B 85 -22.18 -3.34 9.79
N VAL B 86 -23.27 -3.08 9.09
CA VAL B 86 -23.57 -1.75 8.57
C VAL B 86 -24.96 -1.33 9.01
N GLY B 87 -25.17 -0.02 9.03
CA GLY B 87 -26.47 0.54 9.37
C GLY B 87 -26.82 1.73 8.52
N ARG B 93 -26.47 -2.49 -0.23
CA ARG B 93 -25.15 -3.10 -0.16
C ARG B 93 -24.50 -3.15 -1.53
N ARG B 94 -25.28 -2.85 -2.56
CA ARG B 94 -24.86 -3.11 -3.94
C ARG B 94 -23.53 -2.47 -4.32
N LYS B 95 -22.95 -1.61 -3.48
CA LYS B 95 -21.72 -0.97 -3.92
C LYS B 95 -20.56 -1.08 -2.94
N TRP B 96 -20.81 -1.00 -1.63
CA TRP B 96 -19.74 -0.98 -0.65
C TRP B 96 -19.27 -2.37 -0.25
N ILE B 97 -19.90 -3.44 -0.75
CA ILE B 97 -19.37 -4.79 -0.55
C ILE B 97 -17.95 -4.89 -1.06
N GLN B 98 -17.58 -4.05 -2.03
CA GLN B 98 -16.24 -4.09 -2.58
C GLN B 98 -15.18 -3.91 -1.51
N CYS B 99 -15.51 -3.21 -0.43
CA CYS B 99 -14.56 -3.02 0.65
C CYS B 99 -14.22 -4.34 1.33
N PHE B 100 -15.23 -5.18 1.53
CA PHE B 100 -15.05 -6.45 2.24
C PHE B 100 -14.74 -7.60 1.29
N ASN B 101 -13.75 -7.42 0.44
CA ASN B 101 -13.28 -8.49 -0.43
C ASN B 101 -12.10 -9.25 0.15
N ASP B 102 -11.45 -8.70 1.17
CA ASP B 102 -10.33 -9.35 1.83
C ASP B 102 -10.74 -9.97 3.16
N VAL B 103 -12.02 -9.94 3.50
CA VAL B 103 -12.46 -10.51 4.76
C VAL B 103 -12.28 -12.03 4.74
N THR B 104 -12.06 -12.60 5.92
CA THR B 104 -11.88 -14.04 6.03
C THR B 104 -13.14 -14.77 5.60
N ALA B 105 -14.29 -14.38 6.15
CA ALA B 105 -15.55 -14.99 5.76
C ALA B 105 -16.67 -13.98 5.97
N ILE B 106 -17.77 -14.21 5.29
CA ILE B 106 -19.00 -13.48 5.50
C ILE B 106 -19.92 -14.33 6.36
N ILE B 107 -20.55 -13.71 7.36
CA ILE B 107 -21.56 -14.40 8.15
C ILE B 107 -22.92 -13.93 7.70
N PHE B 108 -23.68 -14.83 7.10
CA PHE B 108 -25.03 -14.57 6.66
C PHE B 108 -26.00 -15.19 7.64
N VAL B 109 -27.01 -14.43 8.02
CA VAL B 109 -27.99 -14.82 9.02
C VAL B 109 -29.36 -14.83 8.38
N VAL B 110 -30.13 -15.88 8.66
CA VAL B 110 -31.48 -16.04 8.13
C VAL B 110 -32.42 -16.35 9.29
N ASP B 111 -33.59 -15.74 9.27
CA ASP B 111 -34.68 -16.12 10.17
C ASP B 111 -35.48 -17.22 9.46
N SER B 112 -35.30 -18.45 9.91
CA SER B 112 -35.94 -19.59 9.28
C SER B 112 -37.32 -19.89 9.85
N SER B 113 -37.80 -19.08 10.79
CA SER B 113 -39.14 -19.26 11.34
C SER B 113 -40.20 -18.41 10.66
N ASP B 114 -39.82 -17.55 9.71
CA ASP B 114 -40.75 -16.66 9.04
C ASP B 114 -40.73 -16.97 7.55
N TYR B 115 -41.64 -17.83 7.11
CA TYR B 115 -41.63 -18.30 5.74
C TYR B 115 -42.27 -17.30 4.79
N ASN B 116 -42.90 -16.24 5.32
CA ASN B 116 -43.49 -15.23 4.45
C ASN B 116 -42.44 -14.54 3.60
N ARG B 117 -41.26 -14.28 4.16
CA ARG B 117 -40.19 -13.58 3.46
C ARG B 117 -38.92 -14.40 3.39
N LEU B 118 -39.03 -15.73 3.46
CA LEU B 118 -37.85 -16.57 3.32
C LEU B 118 -37.28 -16.52 1.92
N GLN B 119 -38.15 -16.36 0.91
CA GLN B 119 -37.68 -16.26 -0.46
C GLN B 119 -36.89 -14.99 -0.69
N GLU B 120 -37.24 -13.91 -0.01
CA GLU B 120 -36.42 -12.70 -0.06
C GLU B 120 -35.02 -12.98 0.46
N ALA B 121 -34.93 -13.71 1.58
CA ALA B 121 -33.63 -14.07 2.13
C ALA B 121 -32.85 -14.94 1.15
N LEU B 122 -33.55 -15.85 0.47
CA LEU B 122 -32.87 -16.77 -0.43
C LEU B 122 -32.35 -16.03 -1.66
N ASN B 123 -33.13 -15.07 -2.17
CA ASN B 123 -32.65 -14.22 -3.26
C ASN B 123 -31.48 -13.35 -2.81
N ASP B 124 -31.51 -12.87 -1.57
CA ASP B 124 -30.39 -12.10 -1.03
C ASP B 124 -29.13 -12.95 -0.96
N PHE B 125 -29.27 -14.20 -0.54
CA PHE B 125 -28.14 -15.11 -0.53
C PHE B 125 -27.62 -15.35 -1.93
N LYS B 126 -28.52 -15.50 -2.90
CA LYS B 126 -28.10 -15.65 -4.29
C LYS B 126 -27.34 -14.42 -4.77
N SER B 127 -27.74 -13.24 -4.31
CA SER B 127 -27.05 -12.01 -4.70
C SER B 127 -25.65 -11.95 -4.11
N ILE B 128 -25.52 -12.21 -2.81
CA ILE B 128 -24.21 -12.14 -2.17
C ILE B 128 -23.29 -13.25 -2.68
N TRP B 129 -23.83 -14.44 -2.87
CA TRP B 129 -23.05 -15.58 -3.34
C TRP B 129 -22.48 -15.34 -4.73
N ASN B 130 -23.25 -14.69 -5.60
CA ASN B 130 -22.85 -14.48 -6.97
C ASN B 130 -22.26 -13.10 -7.21
N ASN B 131 -21.93 -12.37 -6.14
CA ASN B 131 -21.36 -11.05 -6.31
C ASN B 131 -19.93 -11.18 -6.81
N ARG B 132 -19.54 -10.22 -7.64
CA ARG B 132 -18.27 -10.34 -8.36
C ARG B 132 -17.08 -10.27 -7.43
N TRP B 133 -17.19 -9.52 -6.34
CA TRP B 133 -16.08 -9.28 -5.44
C TRP B 133 -16.04 -10.23 -4.26
N LEU B 134 -16.94 -11.21 -4.23
CA LEU B 134 -16.94 -12.24 -3.21
C LEU B 134 -16.77 -13.62 -3.82
N ARG B 135 -16.17 -13.69 -5.01
CA ARG B 135 -15.99 -14.94 -5.71
C ARG B 135 -15.02 -15.88 -5.02
N THR B 136 -14.23 -15.38 -4.07
CA THR B 136 -13.29 -16.19 -3.30
C THR B 136 -13.53 -16.06 -1.80
N ILE B 137 -14.72 -15.62 -1.39
CA ILE B 137 -15.04 -15.37 0.00
C ILE B 137 -16.10 -16.36 0.45
N SER B 138 -15.80 -17.13 1.48
CA SER B 138 -16.74 -18.10 1.99
C SER B 138 -17.82 -17.43 2.82
N VAL B 139 -18.98 -18.05 2.87
CA VAL B 139 -20.13 -17.54 3.60
C VAL B 139 -20.51 -18.57 4.65
N ILE B 140 -20.69 -18.11 5.88
CA ILE B 140 -21.12 -18.97 6.97
C ILE B 140 -22.58 -18.67 7.23
N LEU B 141 -23.44 -19.65 6.99
CA LEU B 141 -24.86 -19.50 7.23
C LEU B 141 -25.21 -19.87 8.66
N PHE B 142 -26.03 -19.04 9.29
CA PHE B 142 -26.69 -19.37 10.53
C PHE B 142 -28.17 -19.22 10.29
N LEU B 143 -28.93 -20.27 10.57
CA LEU B 143 -30.37 -20.28 10.38
C LEU B 143 -30.99 -20.06 11.75
N ASN B 144 -31.13 -18.79 12.14
CA ASN B 144 -31.58 -18.45 13.48
C ASN B 144 -33.03 -18.81 13.72
N LYS B 145 -33.37 -18.87 15.00
CA LYS B 145 -34.71 -19.18 15.47
C LYS B 145 -35.19 -20.51 14.91
N GLN B 146 -34.29 -21.49 14.91
CA GLN B 146 -34.69 -22.88 14.73
C GLN B 146 -35.43 -23.41 15.95
N ASP B 147 -35.40 -22.68 17.07
CA ASP B 147 -36.25 -22.99 18.21
C ASP B 147 -37.70 -22.57 18.00
N LEU B 148 -37.95 -21.58 17.15
CA LEU B 148 -39.31 -21.21 16.76
C LEU B 148 -39.80 -21.97 15.53
N LEU B 149 -38.89 -22.46 14.70
CA LEU B 149 -39.28 -23.30 13.58
C LEU B 149 -39.97 -24.56 14.08
N ALA B 150 -39.49 -25.11 15.19
CA ALA B 150 -40.15 -26.27 15.78
C ALA B 150 -41.58 -25.94 16.18
N GLU B 151 -41.78 -24.82 16.86
CA GLU B 151 -43.13 -24.43 17.26
C GLU B 151 -44.02 -24.24 16.05
N LYS B 152 -43.54 -23.53 15.04
CA LYS B 152 -44.35 -23.24 13.87
C LYS B 152 -44.75 -24.52 13.15
N VAL B 153 -43.81 -25.45 13.00
CA VAL B 153 -44.11 -26.69 12.29
C VAL B 153 -45.05 -27.57 13.10
N LEU B 154 -44.78 -27.73 14.40
CA LEU B 154 -45.59 -28.65 15.19
C LEU B 154 -47.00 -28.11 15.43
N ALA B 155 -47.17 -26.80 15.49
CA ALA B 155 -48.49 -26.24 15.73
C ALA B 155 -49.47 -26.56 14.61
N GLY B 156 -49.00 -26.52 13.37
CA GLY B 156 -49.84 -26.79 12.22
C GLY B 156 -50.54 -25.58 11.63
N LYS B 157 -50.40 -24.41 12.23
CA LYS B 157 -51.05 -23.21 11.70
C LYS B 157 -50.48 -22.83 10.33
N SER B 158 -49.16 -22.89 10.18
CA SER B 158 -48.50 -22.53 8.93
C SER B 158 -48.11 -23.79 8.16
N LYS B 159 -47.70 -23.59 6.91
CA LYS B 159 -47.37 -24.70 6.03
C LYS B 159 -46.35 -24.25 4.99
N ILE B 160 -45.28 -25.02 4.84
CA ILE B 160 -44.25 -24.70 3.85
C ILE B 160 -44.81 -24.82 2.44
N GLU B 161 -45.60 -25.86 2.18
CA GLU B 161 -46.10 -26.11 0.84
C GLU B 161 -46.94 -24.95 0.32
N ASP B 162 -47.47 -24.11 1.21
CA ASP B 162 -48.18 -22.91 0.78
C ASP B 162 -47.23 -21.98 0.02
N TYR B 163 -46.00 -21.83 0.51
CA TYR B 163 -45.03 -20.95 -0.13
C TYR B 163 -44.13 -21.71 -1.09
N PHE B 164 -43.42 -22.71 -0.60
CA PHE B 164 -42.53 -23.50 -1.45
C PHE B 164 -43.29 -24.74 -1.89
N PRO B 165 -43.58 -24.90 -3.19
CA PRO B 165 -44.33 -26.09 -3.62
C PRO B 165 -43.55 -27.38 -3.45
N GLU B 166 -42.21 -27.34 -3.57
CA GLU B 166 -41.39 -28.54 -3.59
C GLU B 166 -41.36 -29.26 -2.25
N PHE B 167 -42.06 -28.77 -1.23
CA PHE B 167 -41.99 -29.41 0.08
C PHE B 167 -42.70 -30.75 0.10
N ALA B 168 -43.92 -30.81 -0.45
CA ALA B 168 -44.73 -32.02 -0.38
C ALA B 168 -44.14 -33.19 -1.13
N ARG B 169 -43.16 -32.95 -2.00
CA ARG B 169 -42.48 -34.01 -2.74
C ARG B 169 -41.04 -34.19 -2.29
N TYR B 170 -40.74 -33.87 -1.04
CA TYR B 170 -39.39 -33.92 -0.52
C TYR B 170 -39.39 -34.75 0.76
N THR B 171 -38.36 -35.59 0.92
CA THR B 171 -38.19 -36.43 2.08
C THR B 171 -36.77 -36.31 2.59
N THR B 172 -36.61 -36.38 3.91
CA THR B 172 -35.29 -36.26 4.51
C THR B 172 -34.42 -37.45 4.10
N PRO B 173 -33.16 -37.20 3.72
CA PRO B 173 -32.24 -38.28 3.31
C PRO B 173 -31.85 -39.17 4.48
N ASP B 183 -38.15 -34.68 16.74
CA ASP B 183 -39.33 -35.00 15.92
C ASP B 183 -38.96 -35.07 14.45
N PRO B 184 -39.61 -35.97 13.72
CA PRO B 184 -39.22 -36.19 12.32
C PRO B 184 -39.53 -35.06 11.36
N ARG B 185 -40.76 -34.54 11.36
CA ARG B 185 -41.13 -33.61 10.30
C ARG B 185 -40.54 -32.22 10.51
N VAL B 186 -40.33 -31.80 11.76
CA VAL B 186 -39.57 -30.56 11.97
C VAL B 186 -38.16 -30.71 11.41
N THR B 187 -37.57 -31.89 11.59
CA THR B 187 -36.22 -32.14 11.07
C THR B 187 -36.20 -32.12 9.56
N ARG B 188 -37.19 -32.77 8.94
CA ARG B 188 -37.28 -32.76 7.48
C ARG B 188 -37.45 -31.34 6.95
N ALA B 189 -38.27 -30.53 7.63
CA ALA B 189 -38.43 -29.14 7.23
C ALA B 189 -37.11 -28.39 7.28
N LYS B 190 -36.41 -28.47 8.40
CA LYS B 190 -35.20 -27.65 8.53
C LYS B 190 -34.11 -28.10 7.57
N TYR B 191 -34.02 -29.41 7.29
CA TYR B 191 -33.16 -29.82 6.19
C TYR B 191 -33.64 -29.31 4.85
N PHE B 192 -34.95 -29.12 4.67
CA PHE B 192 -35.43 -28.56 3.42
C PHE B 192 -34.91 -27.14 3.20
N ILE B 193 -35.02 -26.30 4.24
CA ILE B 193 -34.48 -24.94 4.12
C ILE B 193 -32.98 -24.97 3.87
N ARG B 194 -32.25 -25.79 4.63
CA ARG B 194 -30.81 -25.83 4.42
C ARG B 194 -30.48 -26.26 3.01
N LYS B 195 -31.26 -27.20 2.46
CA LYS B 195 -31.02 -27.67 1.11
C LYS B 195 -31.23 -26.55 0.10
N GLU B 196 -32.26 -25.72 0.31
CA GLU B 196 -32.42 -24.56 -0.57
C GLU B 196 -31.19 -23.68 -0.58
N PHE B 197 -30.70 -23.32 0.60
CA PHE B 197 -29.56 -22.41 0.66
C PHE B 197 -28.30 -23.05 0.08
N VAL B 198 -28.02 -24.31 0.42
CA VAL B 198 -26.84 -24.96 -0.11
C VAL B 198 -26.99 -25.22 -1.61
N ASP B 199 -28.22 -25.27 -2.12
CA ASP B 199 -28.43 -25.47 -3.54
C ASP B 199 -28.10 -24.21 -4.32
N ILE B 200 -28.47 -23.05 -3.80
CA ILE B 200 -27.95 -21.82 -4.40
C ILE B 200 -26.43 -21.80 -4.31
N SER B 201 -25.88 -22.27 -3.18
CA SER B 201 -24.43 -22.21 -3.01
C SER B 201 -23.71 -23.04 -4.06
N THR B 202 -24.21 -24.24 -4.36
CA THR B 202 -23.51 -25.15 -5.25
C THR B 202 -23.58 -24.71 -6.72
N ALA B 203 -24.57 -23.88 -7.07
CA ALA B 203 -24.86 -23.62 -8.48
C ALA B 203 -23.64 -23.07 -9.22
N SER B 204 -22.96 -22.08 -8.64
CA SER B 204 -21.86 -21.45 -9.34
C SER B 204 -20.68 -21.17 -8.40
N GLY B 205 -20.49 -22.00 -7.39
CA GLY B 205 -19.36 -21.82 -6.51
C GLY B 205 -18.03 -22.03 -7.22
N ASP B 206 -17.97 -23.02 -8.11
CA ASP B 206 -16.78 -23.41 -8.86
C ASP B 206 -15.64 -23.88 -7.96
N GLY B 207 -15.89 -24.02 -6.66
CA GLY B 207 -14.91 -24.52 -5.72
C GLY B 207 -14.01 -23.46 -5.13
N ARG B 208 -13.97 -22.25 -5.70
CA ARG B 208 -13.11 -21.20 -5.16
C ARG B 208 -13.57 -20.75 -3.78
N HIS B 209 -14.82 -20.98 -3.43
CA HIS B 209 -15.35 -20.61 -2.13
C HIS B 209 -16.57 -21.49 -1.85
N ILE B 210 -16.82 -21.76 -0.58
CA ILE B 210 -17.88 -22.66 -0.18
C ILE B 210 -18.71 -22.02 0.92
N CYS B 211 -19.76 -22.73 1.32
CA CYS B 211 -20.73 -22.23 2.28
C CYS B 211 -20.90 -23.23 3.41
N TYR B 212 -21.07 -22.71 4.62
CA TYR B 212 -21.12 -23.53 5.83
C TYR B 212 -22.43 -23.29 6.56
N PRO B 213 -23.40 -24.19 6.46
CA PRO B 213 -24.67 -23.99 7.17
C PRO B 213 -24.60 -24.44 8.62
N HIS B 214 -25.27 -23.69 9.49
CA HIS B 214 -25.34 -24.04 10.90
C HIS B 214 -26.69 -23.66 11.47
N PHE B 215 -27.35 -24.62 12.09
CA PHE B 215 -28.61 -24.38 12.78
C PHE B 215 -28.33 -23.86 14.17
N THR B 216 -28.94 -22.73 14.52
CA THR B 216 -28.61 -22.04 15.75
C THR B 216 -29.87 -21.43 16.35
N CYS B 217 -29.77 -21.11 17.64
CA CYS B 217 -30.85 -20.51 18.41
C CYS B 217 -30.36 -19.19 18.97
N ALA B 218 -31.22 -18.57 19.80
CA ALA B 218 -30.79 -17.37 20.53
C ALA B 218 -30.05 -17.71 21.81
N VAL B 219 -30.44 -18.81 22.46
CA VAL B 219 -29.75 -19.25 23.67
C VAL B 219 -28.51 -20.08 23.38
N ASP B 220 -28.28 -20.45 22.12
CA ASP B 220 -27.12 -21.26 21.78
C ASP B 220 -25.85 -20.44 21.96
N THR B 221 -24.88 -21.03 22.64
CA THR B 221 -23.61 -20.39 22.92
C THR B 221 -22.51 -20.79 21.94
N GLU B 222 -22.51 -22.05 21.51
CA GLU B 222 -21.43 -22.54 20.68
C GLU B 222 -21.55 -21.98 19.27
N ASN B 223 -21.44 -20.66 19.13
CA ASN B 223 -21.45 -20.00 17.84
C ASN B 223 -20.10 -19.43 17.46
N ALA B 224 -19.32 -18.96 18.43
CA ALA B 224 -17.94 -18.59 18.13
C ALA B 224 -17.11 -19.80 17.76
N ARG B 225 -17.41 -20.96 18.35
CA ARG B 225 -16.68 -22.18 18.01
C ARG B 225 -16.98 -22.62 16.58
N ARG B 226 -18.22 -22.45 16.13
CA ARG B 226 -18.55 -22.81 14.75
C ARG B 226 -17.80 -21.93 13.76
N ILE B 227 -17.78 -20.62 14.01
CA ILE B 227 -17.01 -19.71 13.16
C ILE B 227 -15.53 -20.04 13.23
N PHE B 228 -15.04 -20.43 14.40
CA PHE B 228 -13.64 -20.80 14.55
C PHE B 228 -13.29 -21.99 13.66
N ASN B 229 -14.08 -23.05 13.74
CA ASN B 229 -13.80 -24.23 12.94
C ASN B 229 -13.95 -23.96 11.44
N ASP B 230 -14.99 -23.22 11.06
CA ASP B 230 -15.15 -22.85 9.66
C ASP B 230 -13.98 -22.00 9.19
N CYS B 231 -13.48 -21.12 10.05
CA CYS B 231 -12.35 -20.28 9.69
C CYS B 231 -11.08 -21.10 9.53
N LYS B 232 -10.88 -22.11 10.37
CA LYS B 232 -9.77 -23.02 10.12
C LYS B 232 -9.89 -23.68 8.76
N ASP B 233 -11.10 -24.10 8.40
CA ASP B 233 -11.28 -24.72 7.10
C ASP B 233 -10.97 -23.75 5.96
N ILE B 234 -11.50 -22.52 6.05
CA ILE B 234 -11.25 -21.53 5.00
C ILE B 234 -9.77 -21.19 4.90
N ILE B 235 -9.10 -21.02 6.04
CA ILE B 235 -7.69 -20.67 6.01
C ILE B 235 -6.86 -21.83 5.49
N LEU B 236 -7.29 -23.07 5.73
CA LEU B 236 -6.64 -24.21 5.10
C LEU B 236 -6.78 -24.14 3.58
N GLN B 237 -7.97 -23.83 3.08
CA GLN B 237 -8.13 -23.68 1.64
C GLN B 237 -7.24 -22.59 1.08
N MET B 238 -7.18 -21.44 1.76
CA MET B 238 -6.36 -20.34 1.29
C MET B 238 -4.89 -20.69 1.29
N ASN B 239 -4.43 -21.38 2.35
CA ASN B 239 -3.04 -21.83 2.40
C ASN B 239 -2.74 -22.79 1.26
N LEU B 240 -3.61 -23.75 1.03
CA LEU B 240 -3.44 -24.69 -0.06
C LEU B 240 -3.64 -24.05 -1.42
N ARG B 241 -4.13 -22.82 -1.48
CA ARG B 241 -4.34 -22.11 -2.74
C ARG B 241 -3.22 -21.15 -3.09
N GLU B 242 -2.56 -20.57 -2.08
CA GLU B 242 -1.35 -19.80 -2.38
C GLU B 242 -0.30 -20.69 -3.02
N TYR B 243 -0.18 -21.92 -2.53
CA TYR B 243 0.41 -23.00 -3.29
C TYR B 243 -0.60 -23.37 -4.38
N ASN B 244 -0.16 -23.50 -5.62
CA ASN B 244 -1.15 -23.74 -6.68
C ASN B 244 -1.64 -25.19 -6.64
N LEU B 245 -2.27 -25.58 -5.54
CA LEU B 245 -2.73 -26.96 -5.35
C LEU B 245 -4.24 -27.09 -5.28
N VAL B 246 -4.89 -26.35 -4.39
CA VAL B 246 -6.34 -26.45 -4.26
C VAL B 246 -7.01 -25.21 -4.82
N GLU C 8 -54.52 13.26 -10.32
CA GLU C 8 -53.54 14.28 -9.97
C GLU C 8 -52.13 13.84 -10.35
N LEU C 9 -51.65 12.77 -9.73
CA LEU C 9 -50.32 12.27 -10.02
C LEU C 9 -50.18 11.85 -11.48
N ASP C 10 -51.26 11.39 -12.09
CA ASP C 10 -51.21 11.05 -13.51
C ASP C 10 -50.91 12.27 -14.35
N GLN C 11 -51.54 13.40 -14.04
CA GLN C 11 -51.28 14.63 -14.77
C GLN C 11 -49.82 15.07 -14.62
N LEU C 12 -49.29 15.00 -13.39
CA LEU C 12 -47.90 15.38 -13.16
C LEU C 12 -46.95 14.46 -13.91
N ARG C 13 -47.21 13.16 -13.90
CA ARG C 13 -46.35 12.23 -14.63
C ARG C 13 -46.43 12.48 -16.13
N GLN C 14 -47.61 12.79 -16.65
CA GLN C 14 -47.74 13.12 -18.07
C GLN C 14 -46.98 14.38 -18.41
N GLU C 15 -47.04 15.39 -17.54
CA GLU C 15 -46.26 16.60 -17.75
C GLU C 15 -44.77 16.30 -17.73
N ALA C 16 -44.34 15.40 -16.84
CA ALA C 16 -42.94 15.01 -16.79
C ALA C 16 -42.51 14.31 -18.07
N GLU C 17 -43.37 13.44 -18.62
CA GLU C 17 -43.04 12.77 -19.87
C GLU C 17 -42.96 13.77 -21.01
N GLN C 18 -43.88 14.73 -21.06
CA GLN C 18 -43.82 15.78 -22.07
C GLN C 18 -42.55 16.60 -21.92
N LEU C 19 -42.16 16.91 -20.68
CA LEU C 19 -40.93 17.64 -20.45
C LEU C 19 -39.71 16.86 -20.93
N LYS C 20 -39.70 15.55 -20.68
CA LYS C 20 -38.58 14.73 -21.12
C LYS C 20 -38.51 14.66 -22.64
N ASN C 21 -39.66 14.53 -23.30
CA ASN C 21 -39.67 14.54 -24.76
C ASN C 21 -39.18 15.87 -25.30
N GLN C 22 -39.58 16.97 -24.64
CA GLN C 22 -39.10 18.29 -25.05
C GLN C 22 -37.59 18.42 -24.87
N ILE C 23 -37.05 17.90 -23.77
CA ILE C 23 -35.60 17.93 -23.57
C ILE C 23 -34.90 17.15 -24.67
N ARG C 24 -35.36 15.92 -24.93
CA ARG C 24 -34.71 15.09 -25.92
C ARG C 24 -34.77 15.73 -27.31
N ASP C 25 -35.90 16.37 -27.63
CA ASP C 25 -35.99 17.07 -28.91
C ASP C 25 -35.08 18.29 -28.94
N ALA C 26 -34.92 18.97 -27.81
CA ALA C 26 -34.04 20.13 -27.77
C ALA C 26 -32.59 19.73 -28.01
N ARG C 27 -32.13 18.65 -27.38
CA ARG C 27 -30.77 18.20 -27.61
C ARG C 27 -30.59 17.71 -29.04
N LYS C 28 -31.59 17.03 -29.58
CA LYS C 28 -31.45 16.43 -30.90
C LYS C 28 -31.28 17.48 -31.98
N ALA C 29 -31.79 18.69 -31.76
CA ALA C 29 -31.64 19.75 -32.75
C ALA C 29 -30.22 20.31 -32.76
N CYS C 30 -29.55 20.28 -31.61
CA CYS C 30 -28.22 20.88 -31.50
C CYS C 30 -27.11 19.98 -32.04
N ALA C 31 -27.39 18.69 -32.24
CA ALA C 31 -26.34 17.73 -32.62
C ALA C 31 -26.18 17.72 -34.13
N ASP C 32 -25.68 18.84 -34.66
CA ASP C 32 -25.57 18.98 -36.11
C ASP C 32 -24.48 18.08 -36.68
N ALA C 33 -23.29 18.09 -36.09
CA ALA C 33 -22.18 17.31 -36.60
C ALA C 33 -21.41 16.74 -35.43
N THR C 34 -21.10 15.44 -35.50
CA THR C 34 -20.48 14.77 -34.37
C THR C 34 -19.03 15.20 -34.21
N LEU C 35 -18.55 15.16 -32.96
CA LEU C 35 -17.16 15.48 -32.69
C LEU C 35 -16.22 14.55 -33.43
N SER C 36 -16.63 13.28 -33.59
CA SER C 36 -15.82 12.33 -34.35
C SER C 36 -15.61 12.82 -35.79
N GLN C 37 -16.59 13.50 -36.36
CA GLN C 37 -16.44 14.04 -37.71
C GLN C 37 -15.54 15.28 -37.70
N ILE C 38 -15.69 16.15 -36.71
CA ILE C 38 -14.87 17.34 -36.63
C ILE C 38 -13.43 16.98 -36.31
N THR C 39 -13.23 16.03 -35.39
CA THR C 39 -11.89 15.61 -34.97
C THR C 39 -11.20 14.74 -36.01
N ASN C 40 -11.83 14.45 -37.14
CA ASN C 40 -11.27 13.50 -38.09
C ASN C 40 -9.94 13.99 -38.63
N ASN C 41 -9.87 15.26 -39.01
CA ASN C 41 -8.67 15.79 -39.65
C ASN C 41 -7.80 16.56 -38.65
N ILE C 42 -7.28 15.82 -37.66
CA ILE C 42 -6.18 16.30 -36.85
C ILE C 42 -5.16 15.18 -36.74
N ASP C 43 -3.95 15.55 -36.34
CA ASP C 43 -2.86 14.59 -36.25
C ASP C 43 -3.16 13.59 -35.12
N PRO C 44 -3.16 12.29 -35.41
CA PRO C 44 -3.32 11.30 -34.34
C PRO C 44 -2.14 11.35 -33.39
N VAL C 45 -2.41 11.07 -32.11
CA VAL C 45 -1.37 11.20 -31.09
C VAL C 45 -0.35 10.09 -31.21
N GLY C 46 -0.71 8.99 -31.86
CA GLY C 46 0.18 7.85 -31.90
C GLY C 46 0.26 7.15 -30.56
N ARG C 47 1.31 6.37 -30.40
CA ARG C 47 1.48 5.60 -29.18
C ARG C 47 2.30 6.39 -28.16
N ILE C 48 1.85 6.35 -26.90
CA ILE C 48 2.59 6.92 -25.78
C ILE C 48 3.11 5.76 -24.94
N GLN C 49 4.38 5.82 -24.57
CA GLN C 49 5.03 4.79 -23.78
C GLN C 49 5.48 5.44 -22.48
N MET C 50 4.57 5.48 -21.51
CA MET C 50 4.84 6.07 -20.21
C MET C 50 5.23 4.96 -19.25
N ARG C 51 6.49 4.94 -18.83
CA ARG C 51 7.00 3.92 -17.93
C ARG C 51 6.91 4.42 -16.49
N THR C 52 6.83 3.47 -15.56
CA THR C 52 6.84 3.83 -14.16
C THR C 52 8.19 4.41 -13.78
N ARG C 53 8.16 5.49 -13.02
CA ARG C 53 9.37 6.11 -12.50
C ARG C 53 9.58 5.88 -11.01
N ARG C 54 8.50 5.83 -10.24
CA ARG C 54 8.58 5.54 -8.83
C ARG C 54 7.56 4.46 -8.48
N THR C 55 7.86 3.71 -7.43
CA THR C 55 6.86 2.86 -6.80
C THR C 55 6.86 3.20 -5.31
N LEU C 56 5.67 3.43 -4.78
CA LEU C 56 5.53 3.99 -3.44
C LEU C 56 4.94 2.90 -2.55
N ARG C 57 5.82 2.07 -2.02
CA ARG C 57 5.42 0.95 -1.17
C ARG C 57 5.42 1.38 0.29
N GLY C 58 4.61 0.70 1.08
CA GLY C 58 4.47 1.02 2.48
C GLY C 58 3.07 0.82 2.96
N HIS C 59 2.13 0.72 2.02
CA HIS C 59 0.77 0.34 2.35
C HIS C 59 0.67 -1.17 2.46
N LEU C 60 -0.07 -1.65 3.45
CA LEU C 60 -0.22 -3.07 3.70
C LEU C 60 -1.66 -3.52 3.49
N ALA C 61 -2.38 -2.84 2.59
CA ALA C 61 -3.75 -3.18 2.27
C ALA C 61 -4.07 -2.55 0.91
N LYS C 62 -5.33 -2.66 0.50
CA LYS C 62 -5.74 -2.10 -0.78
C LYS C 62 -5.81 -0.59 -0.70
N ILE C 63 -5.33 0.07 -1.74
CA ILE C 63 -5.41 1.52 -1.86
C ILE C 63 -6.75 1.85 -2.50
N TYR C 64 -7.56 2.63 -1.80
CA TYR C 64 -8.88 2.97 -2.31
C TYR C 64 -8.94 4.37 -2.89
N ALA C 65 -8.06 5.27 -2.47
CA ALA C 65 -8.10 6.63 -2.96
C ALA C 65 -6.74 7.25 -2.81
N MET C 66 -6.52 8.31 -3.57
CA MET C 66 -5.35 9.15 -3.41
C MET C 66 -5.67 10.51 -4.02
N HIS C 67 -4.85 11.50 -3.67
CA HIS C 67 -5.03 12.83 -4.23
C HIS C 67 -3.69 13.55 -4.21
N TRP C 68 -3.37 14.21 -5.31
CA TRP C 68 -2.17 15.01 -5.42
C TRP C 68 -2.31 16.30 -4.61
N GLY C 69 -1.18 16.96 -4.40
CA GLY C 69 -1.16 18.31 -3.89
C GLY C 69 -1.20 19.31 -5.02
N THR C 70 -1.25 20.58 -4.64
CA THR C 70 -1.26 21.64 -5.63
C THR C 70 0.11 21.85 -6.25
N ASP C 71 1.17 21.46 -5.56
CA ASP C 71 2.53 21.69 -6.02
C ASP C 71 3.08 20.56 -6.88
N SER C 72 2.29 19.54 -7.18
CA SER C 72 2.70 18.45 -8.05
C SER C 72 3.91 17.71 -7.49
N ARG C 73 4.05 17.72 -6.19
CA ARG C 73 5.20 17.19 -5.48
C ARG C 73 4.80 16.24 -4.36
N LEU C 74 3.72 16.53 -3.67
CA LEU C 74 3.23 15.73 -2.55
C LEU C 74 1.92 15.06 -2.94
N LEU C 75 1.64 13.93 -2.33
CA LEU C 75 0.37 13.28 -2.53
C LEU C 75 0.01 12.50 -1.29
N VAL C 76 -1.28 12.22 -1.14
CA VAL C 76 -1.83 11.52 0.00
C VAL C 76 -2.62 10.33 -0.50
N SER C 77 -2.44 9.20 0.17
CA SER C 77 -3.07 7.95 -0.22
C SER C 77 -3.71 7.30 0.99
N ALA C 78 -4.91 6.79 0.81
CA ALA C 78 -5.66 6.11 1.85
C ALA C 78 -5.83 4.64 1.51
N SER C 79 -5.68 3.77 2.51
CA SER C 79 -5.82 2.34 2.31
C SER C 79 -6.60 1.74 3.47
N GLN C 80 -6.88 0.45 3.35
CA GLN C 80 -7.68 -0.27 4.32
C GLN C 80 -6.90 -0.62 5.59
N ASP C 81 -5.60 -0.38 5.62
CA ASP C 81 -4.87 -0.50 6.88
C ASP C 81 -5.16 0.66 7.81
N GLY C 82 -6.14 1.49 7.47
CA GLY C 82 -6.54 2.60 8.31
C GLY C 82 -5.49 3.69 8.43
N LYS C 83 -4.80 4.01 7.34
CA LYS C 83 -3.75 5.01 7.37
C LYS C 83 -3.72 5.81 6.09
N LEU C 84 -3.60 7.13 6.25
CA LEU C 84 -3.21 8.02 5.17
C LEU C 84 -1.70 8.21 5.24
N ILE C 85 -1.04 8.10 4.11
CA ILE C 85 0.38 8.40 4.00
C ILE C 85 0.55 9.54 3.03
N ILE C 86 1.29 10.55 3.45
CA ILE C 86 1.65 11.69 2.60
C ILE C 86 3.05 11.45 2.07
N TRP C 87 3.17 11.34 0.76
CA TRP C 87 4.41 10.94 0.12
C TRP C 87 5.11 12.14 -0.50
N ASP C 88 6.43 12.11 -0.47
CA ASP C 88 7.24 12.98 -1.30
C ASP C 88 7.53 12.20 -2.59
N SER C 89 6.79 12.54 -3.65
CA SER C 89 6.88 11.77 -4.88
C SER C 89 8.26 11.84 -5.50
N TYR C 90 8.97 12.95 -5.31
CA TYR C 90 10.29 13.09 -5.92
C TYR C 90 11.30 12.12 -5.33
N THR C 91 11.20 11.82 -4.03
CA THR C 91 12.18 10.99 -3.34
C THR C 91 11.59 9.73 -2.70
N THR C 92 10.30 9.50 -2.82
CA THR C 92 9.58 8.34 -2.30
C THR C 92 9.46 8.41 -0.77
N ASN C 93 10.05 9.42 -0.13
CA ASN C 93 9.96 9.55 1.32
C ASN C 93 8.52 9.68 1.77
N LYS C 94 8.22 9.11 2.93
CA LYS C 94 6.94 9.30 3.59
C LYS C 94 7.04 10.52 4.49
N VAL C 95 6.21 11.52 4.22
CA VAL C 95 6.25 12.78 4.97
C VAL C 95 5.40 12.68 6.24
N HIS C 96 4.24 12.05 6.15
CA HIS C 96 3.36 11.89 7.29
C HIS C 96 2.65 10.55 7.20
N ALA C 97 2.40 9.96 8.36
CA ALA C 97 1.54 8.79 8.48
C ALA C 97 0.43 9.13 9.46
N ILE C 98 -0.82 9.12 8.99
CA ILE C 98 -1.96 9.54 9.77
C ILE C 98 -2.82 8.33 10.08
N PRO C 99 -2.80 7.80 11.30
CA PRO C 99 -3.76 6.76 11.67
C PRO C 99 -5.19 7.31 11.70
N LEU C 100 -6.13 6.44 11.34
CA LEU C 100 -7.54 6.82 11.25
C LEU C 100 -8.37 6.04 12.27
N ARG C 101 -9.43 6.67 12.76
CA ARG C 101 -10.30 6.00 13.72
C ARG C 101 -11.04 4.84 13.07
N SER C 102 -11.51 5.02 11.84
CA SER C 102 -12.17 3.97 11.08
C SER C 102 -11.31 3.62 9.88
N SER C 103 -11.08 2.34 9.67
CA SER C 103 -10.21 1.86 8.59
C SER C 103 -10.95 1.63 7.29
N TRP C 104 -12.22 1.96 7.22
CA TRP C 104 -13.02 1.74 6.01
C TRP C 104 -13.09 3.02 5.19
N VAL C 105 -11.94 3.43 4.70
CA VAL C 105 -11.81 4.69 4.00
C VAL C 105 -12.04 4.45 2.52
N MET C 106 -12.76 5.37 1.88
CA MET C 106 -13.07 5.30 0.47
C MET C 106 -12.63 6.52 -0.31
N THR C 107 -12.43 7.66 0.34
CA THR C 107 -12.05 8.90 -0.31
C THR C 107 -10.83 9.48 0.38
N CYS C 108 -10.23 10.46 -0.27
CA CYS C 108 -8.97 11.03 0.19
C CYS C 108 -8.76 12.35 -0.53
N ALA C 109 -8.65 13.43 0.23
CA ALA C 109 -8.58 14.77 -0.33
C ALA C 109 -7.41 15.54 0.28
N TYR C 110 -6.75 16.32 -0.57
CA TYR C 110 -5.66 17.19 -0.16
C TYR C 110 -6.09 18.62 -0.41
N ALA C 111 -5.99 19.47 0.60
CA ALA C 111 -6.42 20.85 0.45
C ALA C 111 -5.49 21.59 -0.49
N PRO C 112 -6.01 22.53 -1.28
CA PRO C 112 -5.14 23.30 -2.17
C PRO C 112 -4.08 24.10 -1.44
N SER C 113 -4.39 24.62 -0.25
CA SER C 113 -3.38 25.28 0.55
C SER C 113 -2.36 24.28 1.09
N GLY C 114 -2.76 23.04 1.30
CA GLY C 114 -1.89 22.03 1.82
C GLY C 114 -1.88 21.89 3.32
N ASN C 115 -2.63 22.71 4.03
CA ASN C 115 -2.66 22.62 5.48
C ASN C 115 -3.55 21.51 5.99
N TYR C 116 -4.41 20.96 5.15
CA TYR C 116 -5.41 20.00 5.60
C TYR C 116 -5.50 18.84 4.63
N VAL C 117 -5.95 17.70 5.14
CA VAL C 117 -6.34 16.56 4.32
C VAL C 117 -7.66 16.03 4.87
N ALA C 118 -8.38 15.32 4.01
CA ALA C 118 -9.67 14.78 4.38
C ALA C 118 -9.79 13.34 3.90
N CYS C 119 -10.41 12.51 4.73
CA CYS C 119 -10.68 11.12 4.40
C CYS C 119 -12.05 10.74 4.92
N GLY C 120 -12.63 9.69 4.34
CA GLY C 120 -13.94 9.24 4.76
C GLY C 120 -14.29 7.93 4.08
N GLY C 121 -15.40 7.36 4.53
CA GLY C 121 -15.85 6.08 4.04
C GLY C 121 -17.09 5.57 4.74
N LEU C 122 -17.08 4.29 5.14
CA LEU C 122 -18.27 3.65 5.66
C LEU C 122 -18.73 4.20 7.01
N ASP C 123 -17.89 4.97 7.68
CA ASP C 123 -18.26 5.56 8.97
C ASP C 123 -19.08 6.83 8.82
N ASN C 124 -19.33 7.29 7.60
CA ASN C 124 -20.23 8.40 7.28
C ASN C 124 -19.75 9.72 7.84
N ILE C 125 -18.47 9.84 8.17
CA ILE C 125 -17.92 11.05 8.75
C ILE C 125 -16.73 11.50 7.89
N CYS C 126 -16.77 12.74 7.45
CA CYS C 126 -15.61 13.38 6.85
C CYS C 126 -14.71 13.93 7.96
N SER C 127 -13.43 13.62 7.91
CA SER C 127 -12.48 14.03 8.94
C SER C 127 -11.40 14.88 8.31
N ILE C 128 -11.18 16.06 8.88
CA ILE C 128 -10.17 17.00 8.39
C ILE C 128 -8.98 16.94 9.33
N TYR C 129 -7.79 16.84 8.76
CA TYR C 129 -6.57 16.69 9.52
C TYR C 129 -5.70 17.93 9.35
N ASN C 130 -5.18 18.44 10.45
CA ASN C 130 -4.33 19.61 10.43
C ASN C 130 -2.88 19.15 10.32
N LEU C 131 -2.27 19.41 9.17
CA LEU C 131 -0.92 18.96 8.91
C LEU C 131 0.13 19.92 9.47
N LYS C 132 0.02 21.20 9.12
CA LYS C 132 0.99 22.20 9.52
C LYS C 132 0.56 22.77 10.86
N THR C 133 1.03 22.14 11.93
CA THR C 133 0.71 22.52 13.29
C THR C 133 1.98 22.61 14.12
N ARG C 134 1.87 23.28 15.26
CA ARG C 134 2.82 23.05 16.33
C ARG C 134 2.60 21.65 16.89
N GLU C 135 3.43 21.28 17.86
CA GLU C 135 3.43 19.94 18.45
C GLU C 135 3.88 18.88 17.47
N GLY C 136 4.09 19.26 16.21
CA GLY C 136 4.76 18.42 15.24
C GLY C 136 4.06 17.13 14.88
N ASN C 137 2.76 17.02 15.16
CA ASN C 137 1.99 15.86 14.75
C ASN C 137 0.77 16.30 13.94
N VAL C 138 0.07 15.32 13.39
CA VAL C 138 -1.17 15.55 12.65
C VAL C 138 -2.33 15.16 13.54
N ARG C 139 -3.30 16.05 13.69
CA ARG C 139 -4.47 15.78 14.52
C ARG C 139 -5.73 16.23 13.81
N VAL C 140 -6.85 15.59 14.15
CA VAL C 140 -8.13 15.97 13.59
C VAL C 140 -8.48 17.38 14.05
N SER C 141 -8.93 18.19 13.10
CA SER C 141 -9.47 19.50 13.42
C SER C 141 -10.99 19.50 13.49
N ARG C 142 -11.65 18.60 12.75
CA ARG C 142 -13.09 18.60 12.64
C ARG C 142 -13.56 17.29 12.05
N GLU C 143 -14.58 16.69 12.65
CA GLU C 143 -15.28 15.54 12.08
C GLU C 143 -16.62 16.02 11.57
N LEU C 144 -16.87 15.83 10.28
CA LEU C 144 -18.03 16.40 9.62
C LEU C 144 -19.08 15.29 9.52
N ALA C 145 -20.10 15.38 10.36
CA ALA C 145 -21.16 14.38 10.42
C ALA C 145 -22.44 14.96 9.84
N GLY C 146 -23.29 14.08 9.34
CA GLY C 146 -24.57 14.50 8.82
C GLY C 146 -25.03 13.73 7.60
N HIS C 147 -24.12 13.06 6.91
CA HIS C 147 -24.52 12.16 5.85
C HIS C 147 -25.13 10.90 6.44
N THR C 148 -26.20 10.43 5.82
CA THR C 148 -26.84 9.20 6.25
C THR C 148 -26.14 7.96 5.73
N GLY C 149 -25.35 8.10 4.66
CA GLY C 149 -24.65 6.98 4.06
C GLY C 149 -23.14 7.21 3.97
N TYR C 150 -22.48 6.23 3.37
CA TYR C 150 -21.03 6.26 3.26
C TYR C 150 -20.57 7.39 2.34
N LEU C 151 -19.41 7.95 2.63
CA LEU C 151 -18.83 9.00 1.82
C LEU C 151 -17.98 8.38 0.72
N SER C 152 -18.25 8.74 -0.53
CA SER C 152 -17.55 8.19 -1.67
C SER C 152 -16.53 9.13 -2.26
N CYS C 153 -16.68 10.44 -2.05
CA CYS C 153 -15.70 11.41 -2.50
C CYS C 153 -15.81 12.66 -1.64
N CYS C 154 -14.76 13.46 -1.66
CA CYS C 154 -14.76 14.75 -0.97
C CYS C 154 -13.63 15.59 -1.53
N ARG C 155 -13.93 16.83 -1.89
CA ARG C 155 -12.96 17.75 -2.48
C ARG C 155 -13.04 19.09 -1.76
N PHE C 156 -11.88 19.71 -1.59
CA PHE C 156 -11.75 20.96 -0.85
C PHE C 156 -12.01 22.14 -1.79
N LEU C 157 -13.01 22.96 -1.45
CA LEU C 157 -13.13 24.25 -2.11
C LEU C 157 -12.04 25.20 -1.63
N ASP C 158 -11.85 25.26 -0.33
CA ASP C 158 -10.76 26.01 0.30
C ASP C 158 -10.55 25.43 1.70
N ASP C 159 -9.80 26.16 2.52
CA ASP C 159 -9.52 25.66 3.86
C ASP C 159 -10.77 25.55 4.72
N ASN C 160 -11.84 26.27 4.38
CA ASN C 160 -13.03 26.28 5.20
C ASN C 160 -14.24 25.63 4.54
N GLN C 161 -14.15 25.26 3.28
CA GLN C 161 -15.27 24.68 2.57
C GLN C 161 -14.87 23.38 1.91
N ILE C 162 -15.73 22.37 2.02
CA ILE C 162 -15.52 21.06 1.42
C ILE C 162 -16.87 20.53 0.94
N VAL C 163 -16.83 19.80 -0.17
CA VAL C 163 -18.01 19.17 -0.75
C VAL C 163 -17.83 17.67 -0.69
N THR C 164 -18.85 16.96 -0.21
CA THR C 164 -18.82 15.52 -0.02
C THR C 164 -19.98 14.86 -0.75
N SER C 165 -19.66 13.82 -1.54
CA SER C 165 -20.66 12.95 -2.12
C SER C 165 -20.86 11.75 -1.22
N SER C 166 -22.06 11.18 -1.24
CA SER C 166 -22.37 10.12 -0.31
C SER C 166 -23.33 9.11 -0.92
N GLY C 167 -23.52 8.01 -0.22
CA GLY C 167 -24.43 6.94 -0.54
C GLY C 167 -25.83 7.11 -0.02
N ASP C 168 -26.16 8.27 0.57
CA ASP C 168 -27.52 8.63 0.86
C ASP C 168 -28.17 9.43 -0.27
N THR C 169 -27.66 9.26 -1.49
CA THR C 169 -28.09 9.93 -2.71
C THR C 169 -27.87 11.45 -2.66
N THR C 170 -27.08 11.95 -1.74
CA THR C 170 -26.97 13.37 -1.49
C THR C 170 -25.51 13.82 -1.49
N CYS C 171 -25.24 14.97 -2.10
CA CYS C 171 -24.01 15.71 -1.92
C CYS C 171 -24.26 16.87 -0.96
N ALA C 172 -23.22 17.25 -0.23
CA ALA C 172 -23.32 18.28 0.79
C ALA C 172 -22.13 19.21 0.71
N LEU C 173 -22.32 20.44 1.18
CA LEU C 173 -21.27 21.43 1.27
C LEU C 173 -21.21 21.92 2.71
N TRP C 174 -20.00 22.11 3.21
CA TRP C 174 -19.79 22.33 4.63
C TRP C 174 -19.02 23.62 4.89
N ASP C 175 -19.20 24.13 6.11
CA ASP C 175 -18.30 25.11 6.70
C ASP C 175 -17.53 24.38 7.78
N ILE C 176 -16.23 24.16 7.53
CA ILE C 176 -15.42 23.36 8.45
C ILE C 176 -15.31 24.05 9.80
N GLU C 177 -15.25 25.39 9.81
CA GLU C 177 -15.14 26.12 11.07
C GLU C 177 -16.35 25.85 11.96
N THR C 178 -17.55 25.87 11.38
CA THR C 178 -18.75 25.56 12.14
C THR C 178 -19.11 24.09 12.11
N GLY C 179 -18.58 23.34 11.15
CA GLY C 179 -18.85 21.91 11.06
C GLY C 179 -20.29 21.55 10.78
N GLN C 180 -20.94 22.29 9.88
CA GLN C 180 -22.35 22.06 9.58
C GLN C 180 -22.58 22.18 8.08
N GLN C 181 -23.60 21.48 7.60
CA GLN C 181 -23.95 21.45 6.19
C GLN C 181 -24.51 22.80 5.77
N THR C 182 -23.72 23.58 5.04
CA THR C 182 -24.19 24.87 4.56
C THR C 182 -25.29 24.70 3.54
N THR C 183 -25.07 23.87 2.51
CA THR C 183 -26.08 23.58 1.52
C THR C 183 -26.08 22.09 1.22
N THR C 184 -27.26 21.58 0.87
CA THR C 184 -27.43 20.17 0.53
C THR C 184 -27.92 20.07 -0.91
N PHE C 185 -27.24 19.23 -1.68
CA PHE C 185 -27.58 19.01 -3.08
C PHE C 185 -28.32 17.68 -3.19
N THR C 186 -29.58 17.74 -3.61
CA THR C 186 -30.42 16.57 -3.72
C THR C 186 -31.02 16.48 -5.11
N GLY C 187 -31.33 15.26 -5.54
CA GLY C 187 -31.86 15.05 -6.86
C GLY C 187 -31.40 13.75 -7.49
N HIS C 188 -30.32 13.19 -6.99
CA HIS C 188 -29.88 11.88 -7.44
C HIS C 188 -30.76 10.79 -6.84
N THR C 189 -30.89 9.69 -7.56
CA THR C 189 -31.67 8.55 -7.12
C THR C 189 -30.82 7.38 -6.69
N GLY C 190 -29.58 7.29 -7.18
CA GLY C 190 -28.64 6.29 -6.74
C GLY C 190 -27.53 6.89 -5.89
N ASP C 191 -26.62 6.02 -5.49
CA ASP C 191 -25.49 6.43 -4.66
C ASP C 191 -24.52 7.26 -5.49
N VAL C 192 -24.25 8.48 -5.03
CA VAL C 192 -23.29 9.33 -5.70
C VAL C 192 -21.89 8.78 -5.47
N MET C 193 -21.24 8.36 -6.55
CA MET C 193 -19.99 7.62 -6.49
C MET C 193 -18.77 8.49 -6.71
N SER C 194 -18.88 9.49 -7.57
CA SER C 194 -17.77 10.37 -7.87
C SER C 194 -18.23 11.81 -7.79
N LEU C 195 -17.27 12.69 -7.60
CA LEU C 195 -17.55 14.11 -7.44
C LEU C 195 -16.32 14.86 -7.90
N SER C 196 -16.45 15.61 -8.99
CA SER C 196 -15.39 16.46 -9.47
C SER C 196 -15.80 17.91 -9.25
N LEU C 197 -14.85 18.72 -8.81
CA LEU C 197 -15.06 20.14 -8.61
C LEU C 197 -14.51 20.89 -9.81
N ALA C 198 -15.23 21.91 -10.25
CA ALA C 198 -14.84 22.66 -11.41
C ALA C 198 -13.60 23.49 -11.13
N PRO C 199 -12.84 23.85 -12.17
CA PRO C 199 -11.65 24.69 -11.96
C PRO C 199 -11.93 26.04 -11.33
N ASP C 200 -13.13 26.59 -11.50
CA ASP C 200 -13.49 27.85 -10.86
C ASP C 200 -14.10 27.66 -9.48
N THR C 201 -14.40 26.42 -9.09
CA THR C 201 -15.04 26.12 -7.80
C THR C 201 -16.37 26.85 -7.64
N ARG C 202 -17.11 26.97 -8.73
CA ARG C 202 -18.47 27.49 -8.71
C ARG C 202 -19.51 26.46 -9.12
N LEU C 203 -19.14 25.52 -9.98
CA LEU C 203 -19.97 24.38 -10.31
C LEU C 203 -19.25 23.11 -9.89
N PHE C 204 -20.00 22.01 -9.81
CA PHE C 204 -19.39 20.71 -9.66
C PHE C 204 -20.32 19.65 -10.22
N VAL C 205 -19.72 18.62 -10.80
CA VAL C 205 -20.46 17.57 -11.48
C VAL C 205 -20.28 16.28 -10.70
N SER C 206 -21.38 15.55 -10.51
CA SER C 206 -21.42 14.35 -9.70
C SER C 206 -22.02 13.20 -10.49
N GLY C 207 -21.42 12.02 -10.33
CA GLY C 207 -21.91 10.81 -10.97
C GLY C 207 -22.39 9.81 -9.95
N ALA C 208 -23.51 9.16 -10.24
CA ALA C 208 -24.15 8.29 -9.27
C ALA C 208 -24.40 6.90 -9.83
N CYS C 209 -25.11 6.08 -9.06
CA CYS C 209 -25.40 4.70 -9.45
C CYS C 209 -26.62 4.59 -10.34
N ASP C 210 -27.28 5.69 -10.65
CA ASP C 210 -28.44 5.68 -11.53
C ASP C 210 -28.07 6.07 -12.96
N ALA C 211 -26.79 5.99 -13.31
CA ALA C 211 -26.32 6.28 -14.66
C ALA C 211 -26.62 7.71 -15.08
N SER C 212 -26.68 8.62 -14.12
CA SER C 212 -26.94 10.02 -14.37
C SER C 212 -25.81 10.86 -13.79
N ALA C 213 -25.36 11.84 -14.55
CA ALA C 213 -24.41 12.84 -14.09
C ALA C 213 -25.15 14.16 -13.96
N LYS C 214 -24.93 14.86 -12.85
CA LYS C 214 -25.67 16.05 -12.52
C LYS C 214 -24.72 17.21 -12.30
N LEU C 215 -25.13 18.39 -12.73
CA LEU C 215 -24.33 19.61 -12.62
C LEU C 215 -24.98 20.51 -11.57
N TRP C 216 -24.20 20.90 -10.58
CA TRP C 216 -24.69 21.70 -9.47
C TRP C 216 -24.02 23.07 -9.48
N ASP C 217 -24.77 24.06 -9.05
CA ASP C 217 -24.23 25.36 -8.71
C ASP C 217 -23.95 25.38 -7.23
N VAL C 218 -22.68 25.60 -6.86
CA VAL C 218 -22.29 25.52 -5.46
C VAL C 218 -23.02 26.57 -4.65
N ARG C 219 -23.19 27.77 -5.21
CA ARG C 219 -23.82 28.86 -4.48
C ARG C 219 -25.32 28.63 -4.32
N GLU C 220 -26.03 28.50 -5.44
CA GLU C 220 -27.48 28.40 -5.40
C GLU C 220 -28.00 27.01 -5.05
N GLY C 221 -27.13 25.99 -5.07
CA GLY C 221 -27.51 24.65 -4.67
C GLY C 221 -28.60 24.02 -5.52
N MET C 222 -28.47 24.11 -6.83
CA MET C 222 -29.50 23.66 -7.76
C MET C 222 -28.88 22.78 -8.83
N CYS C 223 -29.62 21.78 -9.27
CA CYS C 223 -29.16 20.89 -10.34
C CYS C 223 -29.42 21.60 -11.67
N ARG C 224 -28.36 22.20 -12.22
CA ARG C 224 -28.49 22.95 -13.46
C ARG C 224 -28.84 22.04 -14.63
N GLN C 225 -28.09 20.95 -14.80
CA GLN C 225 -28.29 20.03 -15.90
C GLN C 225 -28.15 18.60 -15.40
N THR C 226 -28.81 17.68 -16.08
CA THR C 226 -28.68 16.26 -15.82
C THR C 226 -28.31 15.56 -17.10
N PHE C 227 -27.28 14.73 -17.04
CA PHE C 227 -26.79 13.98 -18.19
C PHE C 227 -27.03 12.50 -17.94
N THR C 228 -27.69 11.84 -18.89
CA THR C 228 -27.97 10.41 -18.77
C THR C 228 -27.76 9.75 -20.12
N GLY C 229 -26.66 9.02 -20.24
CA GLY C 229 -26.46 8.16 -21.38
C GLY C 229 -25.99 6.77 -21.02
N HIS C 230 -25.49 6.60 -19.80
CA HIS C 230 -24.84 5.36 -19.42
C HIS C 230 -25.88 4.29 -19.07
N GLU C 231 -25.45 3.04 -19.13
CA GLU C 231 -26.32 1.90 -18.89
C GLU C 231 -26.11 1.27 -17.53
N SER C 232 -25.04 1.60 -16.82
CA SER C 232 -24.78 1.10 -15.49
C SER C 232 -24.24 2.26 -14.65
N ASP C 233 -23.85 1.95 -13.42
CA ASP C 233 -23.46 2.98 -12.47
C ASP C 233 -22.19 3.70 -12.92
N ILE C 234 -22.16 5.00 -12.72
CA ILE C 234 -20.99 5.81 -13.03
C ILE C 234 -20.04 5.76 -11.83
N ASN C 235 -18.79 5.39 -12.10
CA ASN C 235 -17.80 5.22 -11.04
C ASN C 235 -16.81 6.36 -10.95
N ALA C 236 -16.64 7.15 -12.01
CA ALA C 236 -15.67 8.21 -12.01
C ALA C 236 -16.20 9.38 -12.83
N ILE C 237 -15.75 10.57 -12.49
CA ILE C 237 -16.17 11.78 -13.20
C ILE C 237 -15.08 12.82 -13.03
N CYS C 238 -14.80 13.56 -14.10
CA CYS C 238 -13.73 14.54 -14.06
C CYS C 238 -13.99 15.62 -15.10
N PHE C 239 -13.87 16.89 -14.70
CA PHE C 239 -13.93 17.99 -15.64
C PHE C 239 -12.76 18.01 -16.61
N PHE C 240 -13.08 18.31 -17.86
CA PHE C 240 -12.09 18.79 -18.80
C PHE C 240 -11.50 20.09 -18.28
N PRO C 241 -10.20 20.34 -18.48
CA PRO C 241 -9.59 21.56 -17.92
C PRO C 241 -10.27 22.84 -18.35
N ASN C 242 -10.87 22.86 -19.54
CA ASN C 242 -11.62 24.04 -19.99
C ASN C 242 -12.72 24.41 -19.01
N GLY C 243 -13.30 23.41 -18.35
CA GLY C 243 -14.41 23.64 -17.45
C GLY C 243 -15.77 23.57 -18.11
N ASN C 244 -15.85 23.32 -19.41
CA ASN C 244 -17.11 23.24 -20.12
C ASN C 244 -17.52 21.82 -20.46
N ALA C 245 -16.72 20.83 -20.08
CA ALA C 245 -17.03 19.44 -20.36
C ALA C 245 -16.55 18.58 -19.20
N PHE C 246 -16.86 17.30 -19.28
CA PHE C 246 -16.40 16.34 -18.28
C PHE C 246 -16.52 14.94 -18.84
N ALA C 247 -15.81 14.02 -18.20
CA ALA C 247 -15.75 12.62 -18.62
C ALA C 247 -16.25 11.74 -17.48
N THR C 248 -17.07 10.77 -17.84
CA THR C 248 -17.64 9.82 -16.89
C THR C 248 -17.24 8.42 -17.27
N GLY C 249 -16.81 7.64 -16.28
CA GLY C 249 -16.52 6.23 -16.45
C GLY C 249 -17.55 5.41 -15.69
N SER C 250 -17.98 4.30 -16.29
CA SER C 250 -19.04 3.49 -15.72
C SER C 250 -18.64 2.03 -15.68
N ASP C 251 -19.48 1.23 -15.02
CA ASP C 251 -19.33 -0.21 -15.02
C ASP C 251 -19.73 -0.85 -16.34
N ASP C 252 -20.32 -0.08 -17.26
CA ASP C 252 -20.62 -0.53 -18.61
C ASP C 252 -19.39 -0.79 -19.46
N ALA C 253 -18.19 -0.62 -18.91
CA ALA C 253 -16.95 -0.63 -19.67
C ALA C 253 -16.96 0.47 -20.74
N THR C 254 -17.22 1.70 -20.31
CA THR C 254 -17.31 2.80 -21.25
C THR C 254 -17.05 4.12 -20.54
N CYS C 255 -16.26 4.98 -21.18
CA CYS C 255 -16.09 6.37 -20.80
C CYS C 255 -16.83 7.24 -21.80
N ARG C 256 -17.50 8.26 -21.30
CA ARG C 256 -18.24 9.16 -22.16
C ARG C 256 -17.91 10.60 -21.80
N LEU C 257 -17.79 11.43 -22.83
CA LEU C 257 -17.49 12.84 -22.68
C LEU C 257 -18.76 13.63 -22.87
N PHE C 258 -19.12 14.44 -21.88
CA PHE C 258 -20.33 15.24 -21.91
C PHE C 258 -19.96 16.72 -21.95
N ASP C 259 -20.66 17.47 -22.80
CA ASP C 259 -20.50 18.92 -22.86
C ASP C 259 -21.58 19.60 -22.04
N LEU C 260 -21.18 20.65 -21.30
CA LEU C 260 -22.13 21.41 -20.49
C LEU C 260 -23.00 22.34 -21.30
N ARG C 261 -22.46 22.88 -22.40
CA ARG C 261 -23.18 23.87 -23.20
C ARG C 261 -24.04 23.23 -24.28
N ALA C 262 -23.51 22.22 -24.97
CA ALA C 262 -24.36 21.43 -25.86
C ALA C 262 -25.41 20.66 -25.07
N ASP C 263 -25.02 20.16 -23.89
CA ASP C 263 -25.89 19.45 -22.96
C ASP C 263 -26.27 18.05 -23.44
N GLN C 264 -25.36 17.37 -24.14
CA GLN C 264 -25.48 15.93 -24.34
C GLN C 264 -24.09 15.35 -24.56
N GLU C 265 -24.05 14.02 -24.67
CA GLU C 265 -22.79 13.31 -24.82
C GLU C 265 -22.09 13.69 -26.11
N LEU C 266 -20.77 13.75 -26.07
CA LEU C 266 -19.96 14.04 -27.24
C LEU C 266 -19.27 12.81 -27.81
N MET C 267 -18.61 12.01 -26.97
CA MET C 267 -17.80 10.90 -27.44
C MET C 267 -17.92 9.72 -26.50
N THR C 268 -17.78 8.52 -27.06
CA THR C 268 -17.78 7.27 -26.30
C THR C 268 -16.44 6.59 -26.47
N TYR C 269 -15.82 6.21 -25.36
CA TYR C 269 -14.51 5.57 -25.35
C TYR C 269 -14.74 4.11 -24.95
N SER C 270 -14.91 3.26 -25.96
CA SER C 270 -15.15 1.84 -25.77
C SER C 270 -14.34 1.07 -26.81
N HIS C 271 -13.99 -0.16 -26.46
CA HIS C 271 -13.33 -1.08 -27.37
C HIS C 271 -13.99 -2.44 -27.27
N ASP C 272 -13.83 -3.24 -28.31
CA ASP C 272 -14.48 -4.55 -28.34
C ASP C 272 -13.95 -5.45 -27.24
N ASN C 273 -12.70 -5.27 -26.83
CA ASN C 273 -12.09 -6.14 -25.84
C ASN C 273 -12.52 -5.80 -24.41
N ILE C 274 -12.70 -4.52 -24.10
CA ILE C 274 -12.93 -4.13 -22.72
C ILE C 274 -14.32 -4.57 -22.27
N ILE C 275 -14.38 -5.25 -21.13
CA ILE C 275 -15.65 -5.72 -20.58
C ILE C 275 -15.72 -5.34 -19.11
N CYS C 276 -14.59 -4.93 -18.55
CA CYS C 276 -14.48 -4.61 -17.14
C CYS C 276 -14.93 -3.17 -16.88
N GLY C 277 -15.45 -2.94 -15.67
CA GLY C 277 -15.87 -1.61 -15.32
C GLY C 277 -14.72 -0.64 -15.16
N ILE C 278 -15.01 0.63 -15.32
CA ILE C 278 -14.01 1.69 -15.26
C ILE C 278 -14.05 2.31 -13.87
N THR C 279 -12.88 2.45 -13.26
CA THR C 279 -12.77 2.76 -11.85
C THR C 279 -12.40 4.21 -11.57
N SER C 280 -11.64 4.84 -12.45
CA SER C 280 -11.15 6.19 -12.23
C SER C 280 -10.82 6.83 -13.57
N VAL C 281 -11.18 8.09 -13.71
CA VAL C 281 -10.95 8.85 -14.93
C VAL C 281 -10.19 10.11 -14.57
N SER C 282 -9.15 10.42 -15.35
CA SER C 282 -8.43 11.68 -15.22
C SER C 282 -8.08 12.18 -16.60
N PHE C 283 -7.87 13.49 -16.69
CA PHE C 283 -7.41 14.11 -17.93
C PHE C 283 -5.95 14.48 -17.81
N SER C 284 -5.39 14.94 -18.92
CA SER C 284 -4.06 15.51 -18.93
C SER C 284 -4.17 17.01 -18.66
N LYS C 285 -3.07 17.74 -18.81
CA LYS C 285 -3.14 19.19 -18.66
C LYS C 285 -3.80 19.83 -19.86
N SER C 286 -3.49 19.35 -21.07
CA SER C 286 -4.10 19.88 -22.27
C SER C 286 -5.47 19.31 -22.55
N GLY C 287 -5.85 18.24 -21.87
CA GLY C 287 -7.12 17.60 -22.12
C GLY C 287 -7.17 16.68 -23.30
N ARG C 288 -6.01 16.32 -23.87
CA ARG C 288 -5.99 15.44 -25.03
C ARG C 288 -6.04 13.97 -24.65
N LEU C 289 -5.45 13.60 -23.53
CA LEU C 289 -5.47 12.22 -23.07
C LEU C 289 -6.51 12.04 -21.97
N LEU C 290 -7.08 10.85 -21.91
CA LEU C 290 -8.10 10.51 -20.91
C LEU C 290 -7.63 9.23 -20.22
N LEU C 291 -6.86 9.40 -19.16
CA LEU C 291 -6.46 8.26 -18.36
C LEU C 291 -7.69 7.64 -17.72
N ALA C 292 -7.82 6.33 -17.87
CA ALA C 292 -8.95 5.60 -17.30
C ALA C 292 -8.43 4.34 -16.63
N GLY C 293 -8.80 4.17 -15.36
CA GLY C 293 -8.42 2.98 -14.62
C GLY C 293 -9.51 1.95 -14.73
N TYR C 294 -9.12 0.72 -15.04
CA TYR C 294 -10.05 -0.36 -15.31
C TYR C 294 -9.94 -1.45 -14.26
N ASP C 295 -11.00 -2.24 -14.15
CA ASP C 295 -11.00 -3.38 -13.24
C ASP C 295 -10.07 -4.50 -13.70
N ASP C 296 -9.64 -4.47 -14.97
CA ASP C 296 -8.78 -5.52 -15.50
C ASP C 296 -7.33 -5.36 -15.11
N PHE C 297 -7.07 -4.59 -14.06
CA PHE C 297 -5.76 -4.43 -13.43
C PHE C 297 -4.77 -3.67 -14.28
N ASN C 298 -5.25 -2.81 -15.18
CA ASN C 298 -4.37 -1.86 -15.85
C ASN C 298 -5.22 -0.69 -16.36
N CYS C 299 -4.53 0.38 -16.73
CA CYS C 299 -5.15 1.60 -17.22
C CYS C 299 -5.01 1.69 -18.73
N ASN C 300 -5.83 2.55 -19.33
CA ASN C 300 -5.78 2.81 -20.76
C ASN C 300 -5.80 4.31 -21.00
N VAL C 301 -5.06 4.74 -22.01
CA VAL C 301 -4.96 6.15 -22.36
C VAL C 301 -5.76 6.36 -23.64
N TRP C 302 -6.89 7.02 -23.52
CA TRP C 302 -7.76 7.29 -24.67
C TRP C 302 -7.46 8.68 -25.20
N ASP C 303 -7.39 8.80 -26.52
CA ASP C 303 -7.32 10.10 -27.15
C ASP C 303 -8.69 10.76 -27.04
N ALA C 304 -8.77 11.84 -26.26
CA ALA C 304 -10.07 12.40 -25.90
C ALA C 304 -10.84 12.87 -27.11
N LEU C 305 -10.13 13.33 -28.15
CA LEU C 305 -10.79 13.85 -29.33
C LEU C 305 -11.08 12.76 -30.36
N LYS C 306 -10.15 11.83 -30.56
CA LYS C 306 -10.27 10.83 -31.62
C LYS C 306 -10.82 9.49 -31.15
N ALA C 307 -10.88 9.24 -29.84
CA ALA C 307 -11.41 7.99 -29.27
C ALA C 307 -10.66 6.78 -29.81
N ASP C 308 -9.37 6.72 -29.47
CA ASP C 308 -8.53 5.58 -29.79
C ASP C 308 -7.55 5.36 -28.64
N ARG C 309 -7.40 4.11 -28.22
CA ARG C 309 -6.43 3.79 -27.19
C ARG C 309 -5.04 4.16 -27.66
N ALA C 310 -4.46 5.20 -27.06
CA ALA C 310 -3.12 5.62 -27.39
C ALA C 310 -2.06 4.89 -26.59
N GLY C 311 -2.44 4.16 -25.55
CA GLY C 311 -1.45 3.49 -24.74
C GLY C 311 -2.11 2.67 -23.66
N VAL C 312 -1.27 1.94 -22.93
CA VAL C 312 -1.70 1.09 -21.83
C VAL C 312 -0.69 1.26 -20.71
N LEU C 313 -1.19 1.37 -19.48
CA LEU C 313 -0.34 1.43 -18.29
C LEU C 313 -0.55 0.13 -17.52
N ALA C 314 0.39 -0.80 -17.68
CA ALA C 314 0.26 -2.15 -17.14
C ALA C 314 1.39 -2.40 -16.15
N GLY C 315 1.12 -2.13 -14.88
CA GLY C 315 2.11 -2.38 -13.85
C GLY C 315 1.52 -2.90 -12.57
N HIS C 316 0.21 -3.08 -12.53
CA HIS C 316 -0.51 -3.48 -11.33
C HIS C 316 -1.02 -4.90 -11.51
N ASP C 317 -0.89 -5.71 -10.46
CA ASP C 317 -1.42 -7.06 -10.46
C ASP C 317 -2.71 -7.17 -9.66
N ASN C 318 -3.43 -6.06 -9.49
CA ASN C 318 -4.80 -6.05 -9.02
C ASN C 318 -5.44 -4.77 -9.51
N ARG C 319 -6.75 -4.65 -9.31
CA ARG C 319 -7.52 -3.60 -9.99
C ARG C 319 -7.03 -2.21 -9.62
N VAL C 320 -6.93 -1.36 -10.64
CA VAL C 320 -6.52 0.03 -10.45
C VAL C 320 -7.70 0.78 -9.85
N SER C 321 -7.60 1.15 -8.58
CA SER C 321 -8.71 1.76 -7.87
C SER C 321 -8.74 3.27 -7.98
N CYS C 322 -7.58 3.92 -8.08
CA CYS C 322 -7.51 5.35 -8.18
C CYS C 322 -6.55 5.75 -9.28
N LEU C 323 -6.51 7.04 -9.55
CA LEU C 323 -5.79 7.60 -10.69
C LEU C 323 -5.74 9.10 -10.50
N GLY C 324 -4.58 9.68 -10.73
CA GLY C 324 -4.44 11.11 -10.56
C GLY C 324 -3.36 11.66 -11.45
N VAL C 325 -3.53 12.91 -11.86
CA VAL C 325 -2.56 13.62 -12.68
C VAL C 325 -2.24 14.94 -12.01
N THR C 326 -0.97 15.32 -12.04
CA THR C 326 -0.50 16.50 -11.37
C THR C 326 -1.04 17.77 -12.03
N ASP C 327 -0.95 18.88 -11.30
CA ASP C 327 -1.36 20.17 -11.86
C ASP C 327 -0.39 20.62 -12.95
N ASP C 328 0.91 20.39 -12.75
CA ASP C 328 1.89 20.77 -13.76
C ASP C 328 1.93 19.78 -14.92
N GLY C 329 1.31 18.61 -14.77
CA GLY C 329 1.18 17.67 -15.87
C GLY C 329 2.35 16.74 -16.08
N MET C 330 3.33 16.71 -15.18
CA MET C 330 4.50 15.86 -15.39
C MET C 330 4.15 14.38 -15.25
N ALA C 331 3.40 14.04 -14.21
CA ALA C 331 3.30 12.65 -13.78
C ALA C 331 1.86 12.24 -13.55
N VAL C 332 1.62 10.94 -13.71
CA VAL C 332 0.36 10.30 -13.38
C VAL C 332 0.60 9.37 -12.21
N ALA C 333 -0.40 9.20 -11.37
CA ALA C 333 -0.33 8.29 -10.25
C ALA C 333 -1.45 7.28 -10.39
N THR C 334 -1.15 6.02 -10.12
CA THR C 334 -2.13 4.96 -10.08
C THR C 334 -1.99 4.20 -8.78
N GLY C 335 -3.12 3.89 -8.15
CA GLY C 335 -3.09 3.06 -6.96
C GLY C 335 -4.05 1.90 -7.06
N SER C 336 -3.55 0.69 -6.85
CA SER C 336 -4.33 -0.52 -7.02
C SER C 336 -4.55 -1.20 -5.69
N TRP C 337 -5.32 -2.27 -5.74
CA TRP C 337 -5.58 -3.10 -4.57
C TRP C 337 -4.42 -3.99 -4.23
N ASP C 338 -3.31 -3.76 -4.90
CA ASP C 338 -2.07 -4.50 -4.69
C ASP C 338 -1.15 -3.80 -3.70
N SER C 339 -1.63 -2.76 -3.01
CA SER C 339 -0.92 -2.02 -1.97
C SER C 339 0.22 -1.15 -2.49
N PHE C 340 0.38 -1.05 -3.80
CA PHE C 340 1.43 -0.22 -4.38
C PHE C 340 0.79 0.90 -5.18
N LEU C 341 1.46 2.04 -5.23
CA LEU C 341 1.05 3.11 -6.12
C LEU C 341 2.26 3.60 -6.89
N LYS C 342 2.07 3.78 -8.19
CA LYS C 342 3.17 4.02 -9.11
C LYS C 342 3.00 5.38 -9.75
N ILE C 343 4.13 6.01 -10.04
CA ILE C 343 4.16 7.33 -10.67
C ILE C 343 4.69 7.16 -12.08
N TRP C 344 3.85 7.50 -13.05
CA TRP C 344 4.10 7.22 -14.46
C TRP C 344 4.40 8.51 -15.18
N ASN C 345 5.36 8.45 -16.10
CA ASN C 345 5.75 9.63 -16.86
C ASN C 345 6.11 9.26 -18.29
N GLN D 11 -43.63 15.88 -4.24
CA GLN D 11 -43.03 14.63 -4.65
C GLN D 11 -42.71 14.68 -6.14
N ALA D 12 -43.72 14.39 -6.97
CA ALA D 12 -43.56 14.55 -8.41
C ALA D 12 -43.53 16.02 -8.82
N ARG D 13 -44.10 16.90 -8.00
CA ARG D 13 -44.02 18.32 -8.28
C ARG D 13 -42.57 18.79 -8.28
N LYS D 14 -41.74 18.23 -7.40
CA LYS D 14 -40.32 18.54 -7.43
C LYS D 14 -39.69 18.13 -8.75
N LEU D 15 -40.05 16.95 -9.24
CA LEU D 15 -39.52 16.49 -10.53
C LEU D 15 -39.95 17.41 -11.66
N VAL D 16 -41.22 17.83 -11.68
CA VAL D 16 -41.68 18.68 -12.77
C VAL D 16 -41.04 20.07 -12.68
N GLU D 17 -40.85 20.59 -11.47
CA GLU D 17 -40.19 21.88 -11.32
C GLU D 17 -38.74 21.81 -11.78
N GLN D 18 -38.03 20.74 -11.42
CA GLN D 18 -36.65 20.58 -11.85
C GLN D 18 -36.56 20.43 -13.36
N LEU D 19 -37.47 19.65 -13.95
CA LEU D 19 -37.46 19.48 -15.40
C LEU D 19 -37.80 20.78 -16.12
N LYS D 20 -38.72 21.57 -15.55
CA LYS D 20 -39.03 22.87 -16.15
C LYS D 20 -37.83 23.80 -16.09
N MET D 21 -37.11 23.80 -14.97
CA MET D 21 -35.89 24.59 -14.87
C MET D 21 -34.84 24.13 -15.86
N GLU D 22 -34.78 22.81 -16.12
CA GLU D 22 -33.81 22.27 -17.06
C GLU D 22 -34.26 22.40 -18.51
N ALA D 23 -35.53 22.72 -18.75
CA ALA D 23 -36.03 22.81 -20.11
C ALA D 23 -35.58 24.08 -20.82
N ASN D 24 -35.62 25.21 -20.12
CA ASN D 24 -35.32 26.50 -20.72
C ASN D 24 -33.88 26.87 -20.39
N ILE D 25 -32.95 26.23 -21.08
CA ILE D 25 -31.53 26.54 -20.97
C ILE D 25 -30.97 26.71 -22.37
N ASP D 26 -30.12 27.72 -22.54
CA ASP D 26 -29.48 27.95 -23.83
C ASP D 26 -28.55 26.80 -24.18
N ARG D 27 -28.64 26.32 -25.41
CA ARG D 27 -27.86 25.19 -25.88
C ARG D 27 -27.14 25.57 -27.16
N ILE D 28 -25.85 25.35 -27.19
CA ILE D 28 -25.06 25.65 -28.38
C ILE D 28 -24.94 24.38 -29.21
N LYS D 29 -24.68 24.55 -30.50
CA LYS D 29 -24.56 23.41 -31.38
C LYS D 29 -23.32 22.59 -31.02
N VAL D 30 -23.38 21.29 -31.32
CA VAL D 30 -22.26 20.42 -31.00
C VAL D 30 -21.03 20.81 -31.78
N SER D 31 -21.21 21.41 -32.96
CA SER D 31 -20.06 21.87 -33.73
C SER D 31 -19.26 22.91 -32.96
N LYS D 32 -19.95 23.87 -32.33
CA LYS D 32 -19.25 24.91 -31.60
C LYS D 32 -18.57 24.36 -30.35
N ALA D 33 -19.24 23.49 -29.60
CA ALA D 33 -18.64 22.94 -28.39
C ALA D 33 -17.44 22.08 -28.74
N ALA D 34 -17.54 21.28 -29.78
CA ALA D 34 -16.41 20.47 -30.22
C ALA D 34 -15.26 21.33 -30.69
N ALA D 35 -15.56 22.42 -31.40
CA ALA D 35 -14.51 23.32 -31.85
C ALA D 35 -13.80 23.97 -30.65
N ASP D 36 -14.56 24.37 -29.63
CA ASP D 36 -13.94 24.95 -28.44
C ASP D 36 -13.08 23.93 -27.70
N LEU D 37 -13.58 22.70 -27.59
CA LEU D 37 -12.81 21.64 -26.93
C LEU D 37 -11.50 21.37 -27.67
N MET D 38 -11.58 21.26 -29.00
CA MET D 38 -10.39 21.07 -29.82
C MET D 38 -9.45 22.26 -29.72
N ALA D 39 -9.99 23.47 -29.67
CA ALA D 39 -9.17 24.67 -29.56
C ALA D 39 -8.40 24.67 -28.24
N TYR D 40 -9.04 24.28 -27.15
CA TYR D 40 -8.31 24.15 -25.89
C TYR D 40 -7.24 23.08 -25.99
N CYS D 41 -7.56 21.93 -26.59
CA CYS D 41 -6.57 20.87 -26.73
C CYS D 41 -5.39 21.27 -27.61
N GLU D 42 -5.60 22.22 -28.52
CA GLU D 42 -4.55 22.63 -29.45
C GLU D 42 -3.75 23.82 -28.94
N ALA D 43 -4.37 24.72 -28.18
CA ALA D 43 -3.67 25.88 -27.64
C ALA D 43 -2.85 25.57 -26.40
N HIS D 44 -2.95 24.35 -25.86
CA HIS D 44 -2.18 23.97 -24.69
C HIS D 44 -1.36 22.70 -24.91
N ALA D 45 -1.25 22.22 -26.15
CA ALA D 45 -0.54 20.97 -26.40
C ALA D 45 0.94 21.10 -26.11
N LYS D 46 1.54 22.24 -26.44
CA LYS D 46 2.97 22.43 -26.23
C LYS D 46 3.35 22.49 -24.75
N GLU D 47 2.38 22.58 -23.86
CA GLU D 47 2.61 22.62 -22.42
C GLU D 47 1.99 21.42 -21.72
N ASP D 48 2.10 20.24 -22.34
CA ASP D 48 1.55 19.00 -21.79
C ASP D 48 2.67 17.98 -21.65
N PRO D 49 3.21 17.78 -20.45
CA PRO D 49 4.39 16.92 -20.31
C PRO D 49 4.18 15.46 -20.65
N LEU D 50 2.95 14.95 -20.66
CA LEU D 50 2.74 13.56 -21.02
C LEU D 50 2.46 13.37 -22.51
N LEU D 51 1.75 14.30 -23.12
CA LEU D 51 1.48 14.20 -24.56
C LEU D 51 2.76 14.22 -25.36
N THR D 52 3.66 15.14 -25.04
CA THR D 52 4.97 15.22 -25.66
C THR D 52 6.01 14.81 -24.64
N PRO D 53 6.93 13.91 -24.99
CA PRO D 53 7.90 13.42 -24.00
C PRO D 53 8.76 14.56 -23.45
N VAL D 54 9.08 14.47 -22.16
CA VAL D 54 9.91 15.46 -21.50
C VAL D 54 11.34 14.95 -21.47
N PRO D 55 12.33 15.82 -21.66
CA PRO D 55 13.73 15.38 -21.57
C PRO D 55 14.09 15.02 -20.14
N ALA D 56 15.20 14.28 -20.01
CA ALA D 56 15.64 13.85 -18.69
C ALA D 56 15.99 15.04 -17.80
N SER D 57 16.35 16.18 -18.38
CA SER D 57 16.67 17.35 -17.58
C SER D 57 15.43 17.94 -16.92
N GLU D 58 14.33 18.02 -17.66
CA GLU D 58 13.11 18.64 -17.18
C GLU D 58 12.19 17.68 -16.42
N ASN D 59 12.56 16.41 -16.33
CA ASN D 59 11.74 15.44 -15.62
C ASN D 59 12.23 15.33 -14.18
N PRO D 60 11.40 15.69 -13.19
CA PRO D 60 11.78 15.43 -11.80
C PRO D 60 11.86 13.96 -11.46
N PHE D 61 11.31 13.09 -12.29
CA PHE D 61 11.34 11.65 -12.03
C PHE D 61 12.28 10.95 -13.00
N VAL E 2 4.24 24.89 23.90
CA VAL E 2 5.54 24.34 23.53
C VAL E 2 6.58 24.92 24.46
N GLN E 3 7.36 24.06 25.12
CA GLN E 3 8.23 24.51 26.18
C GLN E 3 9.42 23.57 26.33
N LEU E 4 10.62 24.10 26.11
CA LEU E 4 11.87 23.41 26.38
C LEU E 4 12.55 24.13 27.54
N VAL E 5 12.57 23.50 28.70
CA VAL E 5 13.12 24.10 29.91
C VAL E 5 14.40 23.34 30.26
N GLU E 6 15.53 24.04 30.17
CA GLU E 6 16.82 23.44 30.44
C GLU E 6 17.19 23.56 31.91
N SER E 7 18.15 22.74 32.33
CA SER E 7 18.54 22.64 33.74
C SER E 7 20.05 22.53 33.80
N GLY E 8 20.56 22.14 34.95
CA GLY E 8 21.99 22.10 35.17
C GLY E 8 22.55 23.50 35.31
N GLY E 9 23.86 23.60 35.16
CA GLY E 9 24.48 24.91 35.14
C GLY E 9 25.01 25.32 36.50
N GLY E 10 26.10 26.07 36.49
CA GLY E 10 26.72 26.54 37.70
C GLY E 10 28.21 26.68 37.51
N LEU E 11 28.89 26.98 38.61
CA LEU E 11 30.34 27.13 38.60
C LEU E 11 30.99 25.76 38.70
N VAL E 12 31.81 25.42 37.70
CA VAL E 12 32.41 24.10 37.60
C VAL E 12 33.92 24.28 37.50
N GLN E 13 34.65 23.57 38.34
CA GLN E 13 36.11 23.64 38.28
C GLN E 13 36.60 23.02 36.98
N PRO E 14 37.62 23.59 36.35
CA PRO E 14 38.13 23.01 35.10
C PRO E 14 38.57 21.57 35.29
N GLY E 15 38.21 20.74 34.32
CA GLY E 15 38.43 19.32 34.42
C GLY E 15 37.28 18.53 35.02
N GLY E 16 36.25 19.21 35.51
CA GLY E 16 35.10 18.54 36.09
C GLY E 16 34.09 18.10 35.04
N SER E 17 33.06 17.41 35.52
CA SER E 17 32.02 16.87 34.66
C SER E 17 30.65 17.32 35.14
N ARG E 18 29.75 17.57 34.18
CA ARG E 18 28.40 18.01 34.48
C ARG E 18 27.44 17.43 33.45
N LYS E 19 26.17 17.34 33.84
CA LYS E 19 25.11 16.95 32.94
C LYS E 19 24.06 18.05 32.89
N LEU E 20 23.72 18.48 31.69
CA LEU E 20 22.64 19.43 31.47
C LEU E 20 21.41 18.67 31.00
N SER E 21 20.25 19.03 31.54
CA SER E 21 19.01 18.34 31.25
C SER E 21 18.01 19.31 30.63
N CYS E 22 17.46 18.94 29.46
CA CYS E 22 16.41 19.69 28.81
C CYS E 22 15.10 18.92 28.95
N SER E 23 14.08 19.56 29.51
CA SER E 23 12.79 18.94 29.75
C SER E 23 11.78 19.53 28.77
N ALA E 24 11.30 18.69 27.86
CA ALA E 24 10.34 19.10 26.86
C ALA E 24 8.92 18.99 27.41
N SER E 25 8.03 19.82 26.86
CA SER E 25 6.64 19.81 27.27
C SER E 25 5.82 20.54 26.22
N GLY E 26 4.73 19.92 25.80
CA GLY E 26 3.80 20.57 24.88
C GLY E 26 3.95 20.20 23.43
N PHE E 27 4.80 19.23 23.09
CA PHE E 27 4.93 18.81 21.70
C PHE E 27 5.40 17.38 21.65
N ALA E 28 5.23 16.77 20.47
CA ALA E 28 5.60 15.38 20.27
C ALA E 28 7.11 15.25 20.23
N PHE E 29 7.72 15.13 21.41
CA PHE E 29 9.16 15.21 21.55
C PHE E 29 9.87 14.09 20.82
N SER E 30 9.23 12.92 20.70
CA SER E 30 9.89 11.77 20.09
C SER E 30 10.07 11.92 18.60
N SER E 31 9.31 12.81 17.95
CA SER E 31 9.41 13.02 16.52
C SER E 31 10.22 14.25 16.16
N PHE E 32 11.02 14.76 17.09
CA PHE E 32 11.81 15.96 16.89
C PHE E 32 13.28 15.65 17.12
N GLY E 33 14.13 16.09 16.20
CA GLY E 33 15.56 15.99 16.36
C GLY E 33 16.06 17.19 17.13
N MET E 34 16.89 16.93 18.15
CA MET E 34 17.26 17.95 19.11
C MET E 34 18.73 18.30 18.98
N HIS E 35 19.02 19.60 18.95
CA HIS E 35 20.37 20.12 18.89
C HIS E 35 20.72 20.81 20.20
N TRP E 36 22.01 20.91 20.45
CA TRP E 36 22.56 21.72 21.55
C TRP E 36 23.38 22.82 20.93
N VAL E 37 23.07 24.07 21.27
CA VAL E 37 23.80 25.23 20.77
C VAL E 37 24.17 26.08 21.97
N ARG E 38 25.44 26.45 22.06
CA ARG E 38 25.92 27.27 23.16
C ARG E 38 26.33 28.64 22.64
N GLN E 39 26.34 29.61 23.54
CA GLN E 39 26.69 30.98 23.21
C GLN E 39 27.55 31.56 24.33
N ALA E 40 28.81 31.84 24.03
CA ALA E 40 29.74 32.36 25.02
C ALA E 40 29.22 33.69 25.58
N PRO E 41 29.76 34.13 26.72
CA PRO E 41 29.18 35.32 27.37
C PRO E 41 29.12 36.56 26.49
N GLU E 42 30.10 36.77 25.62
CA GLU E 42 30.08 37.92 24.71
C GLU E 42 30.49 37.50 23.31
N LYS E 43 29.92 36.39 22.83
CA LYS E 43 30.26 35.90 21.50
C LYS E 43 28.97 35.48 20.79
N GLY E 44 29.13 34.81 19.66
CA GLY E 44 28.00 34.38 18.85
C GLY E 44 27.53 32.99 19.22
N LEU E 45 26.70 32.44 18.34
CA LEU E 45 26.14 31.12 18.55
C LEU E 45 27.06 30.07 17.94
N GLU E 46 27.23 28.96 18.66
CA GLU E 46 28.07 27.86 18.21
C GLU E 46 27.33 26.55 18.40
N TRP E 47 27.35 25.71 17.37
CA TRP E 47 26.70 24.41 17.43
C TRP E 47 27.54 23.43 18.24
N VAL E 48 26.85 22.56 19.00
CA VAL E 48 27.55 21.63 19.85
C VAL E 48 27.28 20.18 19.46
N ALA E 49 26.03 19.73 19.57
CA ALA E 49 25.71 18.33 19.40
C ALA E 49 24.42 18.18 18.61
N TYR E 50 24.04 16.93 18.32
CA TYR E 50 22.81 16.65 17.60
C TYR E 50 22.37 15.23 17.88
N ILE E 51 21.18 15.06 18.44
CA ILE E 51 20.51 13.77 18.55
C ILE E 51 19.35 13.77 17.57
N SER E 52 19.27 12.72 16.78
CA SER E 52 18.21 12.57 15.80
C SER E 52 16.97 11.93 16.43
N SER E 53 15.84 12.07 15.74
CA SER E 53 14.63 11.40 16.19
C SER E 53 14.86 9.89 16.16
N GLY E 54 14.51 9.22 17.25
CA GLY E 54 14.86 7.83 17.40
C GLY E 54 16.27 7.58 17.84
N SER E 55 17.03 8.63 18.17
CA SER E 55 18.40 8.53 18.65
C SER E 55 19.31 7.81 17.67
N GLY E 56 18.91 7.73 16.41
CA GLY E 56 19.71 6.98 15.45
C GLY E 56 21.04 7.64 15.11
N THR E 57 21.01 8.94 14.84
CA THR E 57 22.17 9.67 14.36
C THR E 57 22.63 10.66 15.41
N ILE E 58 23.93 10.68 15.67
CA ILE E 58 24.53 11.61 16.61
C ILE E 58 25.66 12.35 15.91
N TYR E 59 25.65 13.66 16.01
CA TYR E 59 26.72 14.49 15.46
C TYR E 59 27.21 15.44 16.54
N TYR E 60 28.54 15.60 16.63
CA TYR E 60 29.14 16.52 17.56
C TYR E 60 29.99 17.55 16.81
N ALA E 61 30.27 18.65 17.48
CA ALA E 61 31.24 19.61 16.98
C ALA E 61 32.65 19.11 17.26
N ASP E 62 33.61 19.60 16.47
CA ASP E 62 34.99 19.18 16.64
C ASP E 62 35.54 19.61 17.99
N THR E 63 35.09 20.74 18.52
CA THR E 63 35.56 21.20 19.82
C THR E 63 35.10 20.26 20.93
N VAL E 64 33.90 19.70 20.80
CA VAL E 64 33.32 18.84 21.82
C VAL E 64 33.33 17.38 21.39
N LYS E 65 34.09 17.03 20.37
CA LYS E 65 34.08 15.66 19.84
C LYS E 65 34.89 14.76 20.77
N GLY E 66 34.21 13.85 21.43
CA GLY E 66 34.87 12.87 22.27
C GLY E 66 34.63 13.07 23.76
N ARG E 67 34.63 14.32 24.20
CA ARG E 67 34.41 14.65 25.60
C ARG E 67 33.00 15.12 25.88
N PHE E 68 32.10 15.05 24.90
CA PHE E 68 30.70 15.36 25.08
C PHE E 68 29.85 14.16 24.68
N THR E 69 28.73 13.98 25.38
CA THR E 69 27.79 12.92 25.08
C THR E 69 26.37 13.48 25.11
N ILE E 70 25.62 13.27 24.04
CA ILE E 70 24.24 13.74 23.94
C ILE E 70 23.33 12.52 23.84
N SER E 71 22.28 12.50 24.66
CA SER E 71 21.36 11.38 24.67
C SER E 71 20.00 11.89 25.14
N ARG E 72 18.95 11.19 24.74
CA ARG E 72 17.58 11.58 25.05
C ARG E 72 16.85 10.43 25.71
N ASP E 73 15.88 10.78 26.55
CA ASP E 73 15.01 9.80 27.21
C ASP E 73 13.60 10.08 26.71
N ASP E 74 13.20 9.37 25.65
CA ASP E 74 11.92 9.66 25.02
C ASP E 74 10.72 9.47 25.94
N PRO E 75 10.60 8.38 26.70
CA PRO E 75 9.42 8.26 27.58
C PRO E 75 9.33 9.36 28.61
N LYS E 76 10.47 9.89 29.07
CA LYS E 76 10.46 10.98 30.04
C LYS E 76 10.51 12.35 29.39
N ASN E 77 10.52 12.42 28.05
CA ASN E 77 10.53 13.68 27.31
C ASN E 77 11.67 14.58 27.77
N THR E 78 12.84 14.00 27.97
CA THR E 78 13.98 14.72 28.50
C THR E 78 15.16 14.57 27.56
N LEU E 79 15.88 15.66 27.36
CA LEU E 79 17.10 15.68 26.55
C LEU E 79 18.28 15.98 27.45
N PHE E 80 19.39 15.27 27.22
CA PHE E 80 20.54 15.33 28.10
C PHE E 80 21.79 15.76 27.35
N LEU E 81 22.73 16.32 28.10
CA LEU E 81 24.08 16.59 27.60
C LEU E 81 25.05 16.28 28.74
N GLN E 82 25.70 15.13 28.66
CA GLN E 82 26.75 14.75 29.59
C GLN E 82 28.08 15.13 28.98
N MET E 83 28.90 15.84 29.76
CA MET E 83 30.16 16.38 29.26
C MET E 83 31.19 16.40 30.38
N THR E 84 32.31 15.73 30.13
CA THR E 84 33.40 15.62 31.10
C THR E 84 34.58 16.46 30.64
N SER E 85 35.56 16.59 31.54
CA SER E 85 36.80 17.30 31.26
C SER E 85 36.52 18.73 30.81
N LEU E 86 35.66 19.42 31.54
CA LEU E 86 35.23 20.75 31.14
C LEU E 86 36.40 21.72 31.14
N ARG E 87 36.40 22.62 30.16
CA ARG E 87 37.49 23.56 29.92
C ARG E 87 36.97 24.98 29.97
N SER E 88 37.91 25.93 30.01
CA SER E 88 37.57 27.35 30.06
C SER E 88 37.03 27.88 28.74
N GLU E 89 37.09 27.10 27.68
CA GLU E 89 36.45 27.46 26.42
C GLU E 89 35.01 26.98 26.35
N ASP E 90 34.50 26.34 27.41
CA ASP E 90 33.15 25.80 27.43
C ASP E 90 32.21 26.60 28.32
N THR E 91 32.51 27.88 28.52
CA THR E 91 31.68 28.75 29.35
C THR E 91 30.67 29.45 28.45
N ALA E 92 29.41 29.04 28.52
CA ALA E 92 28.40 29.53 27.60
C ALA E 92 27.01 29.18 28.12
N MET E 93 26.01 29.86 27.58
CA MET E 93 24.61 29.53 27.85
C MET E 93 24.17 28.51 26.80
N TYR E 94 23.98 27.27 27.23
CA TYR E 94 23.69 26.18 26.31
C TYR E 94 22.20 26.15 26.00
N TYR E 95 21.85 26.44 24.76
CA TYR E 95 20.47 26.42 24.31
C TYR E 95 20.11 25.06 23.75
N CYS E 96 18.92 24.59 24.09
CA CYS E 96 18.34 23.38 23.53
C CYS E 96 17.40 23.75 22.39
N VAL E 97 17.52 23.03 21.28
CA VAL E 97 16.80 23.37 20.06
C VAL E 97 16.09 22.13 19.54
N ARG E 98 14.85 22.31 19.09
CA ARG E 98 14.12 21.26 18.39
C ARG E 98 14.20 21.52 16.89
N SER E 99 14.20 20.43 16.12
CA SER E 99 14.23 20.51 14.68
C SER E 99 13.62 19.25 14.12
N ILE E 100 12.67 19.40 13.21
CA ILE E 100 12.02 18.27 12.55
C ILE E 100 12.32 18.39 11.07
N TYR E 101 12.57 17.25 10.43
CA TYR E 101 13.07 17.20 9.06
C TYR E 101 12.18 16.31 8.22
N TYR E 102 11.19 16.92 7.58
CA TYR E 102 10.49 16.29 6.48
C TYR E 102 10.43 17.30 5.37
N TYR E 103 9.68 17.03 4.31
CA TYR E 103 9.60 17.98 3.22
C TYR E 103 8.81 19.21 3.63
N GLY E 104 9.39 20.38 3.41
CA GLY E 104 8.70 21.61 3.72
C GLY E 104 8.59 21.92 5.19
N SER E 105 9.48 21.37 6.00
CA SER E 105 9.44 21.58 7.44
C SER E 105 10.16 22.88 7.79
N SER E 106 10.16 23.19 9.08
CA SER E 106 10.80 24.40 9.61
C SER E 106 11.73 24.00 10.74
N PRO E 107 12.90 23.47 10.43
CA PRO E 107 13.85 23.11 11.49
C PRO E 107 14.35 24.35 12.22
N PHE E 108 14.85 24.12 13.43
CA PHE E 108 15.36 25.19 14.29
C PHE E 108 14.29 26.23 14.58
N ASP E 109 13.06 25.77 14.79
CA ASP E 109 11.96 26.70 14.94
C ASP E 109 11.76 27.16 16.38
N PHE E 110 11.94 26.27 17.35
CA PHE E 110 11.76 26.63 18.75
C PHE E 110 13.03 26.39 19.53
N TRP E 111 13.48 27.42 20.24
CA TRP E 111 14.65 27.39 21.10
C TRP E 111 14.21 27.53 22.54
N GLY E 112 14.93 26.89 23.43
CA GLY E 112 14.62 26.98 24.84
C GLY E 112 15.37 28.10 25.53
N GLN E 113 15.00 28.35 26.78
CA GLN E 113 15.70 29.30 27.63
C GLN E 113 16.91 28.59 28.23
N GLY E 114 18.10 28.95 27.78
CA GLY E 114 19.28 28.19 28.12
C GLY E 114 19.72 28.41 29.56
N THR E 115 20.58 27.50 30.01
CA THR E 115 21.20 27.56 31.33
C THR E 115 22.67 27.88 31.19
N THR E 116 23.13 28.87 31.93
CA THR E 116 24.51 29.34 31.81
C THR E 116 25.43 28.44 32.61
N LEU E 117 26.48 27.94 31.95
CA LEU E 117 27.52 27.15 32.60
C LEU E 117 28.83 27.93 32.59
N THR E 118 29.40 28.10 33.78
CA THR E 118 30.64 28.86 33.96
C THR E 118 31.73 27.91 34.43
N VAL E 119 32.77 27.76 33.62
CA VAL E 119 33.93 26.96 33.99
C VAL E 119 35.04 27.91 34.38
N SER E 120 35.45 27.84 35.65
CA SER E 120 36.44 28.77 36.18
C SER E 120 37.82 28.51 35.63
N SER E 136 36.35 22.07 4.04
CA SER E 136 36.23 21.52 5.39
C SER E 136 34.94 21.97 6.04
N ASP E 137 35.01 23.04 6.84
CA ASP E 137 33.87 23.62 7.53
C ASP E 137 33.48 24.91 6.84
N ILE E 138 32.19 25.04 6.51
CA ILE E 138 31.71 26.22 5.80
C ILE E 138 31.73 27.40 6.75
N VAL E 139 32.29 28.52 6.31
CA VAL E 139 32.43 29.70 7.15
C VAL E 139 31.38 30.72 6.75
N MET E 140 30.69 31.27 7.73
CA MET E 140 29.68 32.31 7.53
C MET E 140 30.25 33.66 7.92
N THR E 141 30.08 34.64 7.04
CA THR E 141 30.56 36.00 7.27
C THR E 141 29.39 36.96 7.32
N GLN E 142 29.28 37.71 8.41
CA GLN E 142 28.29 38.78 8.56
C GLN E 142 29.10 40.03 8.96
N ALA E 143 29.45 40.83 7.96
CA ALA E 143 30.44 41.89 8.16
C ALA E 143 29.91 43.00 9.06
N THR E 144 28.68 43.45 8.81
CA THR E 144 28.15 44.59 9.54
C THR E 144 27.83 44.20 10.97
N SER E 145 28.82 44.28 11.86
CA SER E 145 28.65 43.81 13.23
C SER E 145 27.61 44.63 13.98
N SER E 146 27.40 45.89 13.61
CA SER E 146 26.43 46.72 14.30
C SER E 146 25.95 47.81 13.33
N VAL E 147 24.69 47.74 12.94
CA VAL E 147 24.06 48.74 12.08
C VAL E 147 23.13 49.58 12.93
N PRO E 148 23.43 50.86 13.16
CA PRO E 148 22.51 51.72 13.90
C PRO E 148 21.35 52.15 13.02
N VAL E 149 20.14 52.03 13.54
CA VAL E 149 18.94 52.36 12.78
C VAL E 149 17.82 52.76 13.71
N PRO E 151 13.69 53.62 13.61
CA PRO E 151 12.32 53.10 13.76
C PRO E 151 11.42 53.54 12.63
N GLY E 152 10.66 52.61 12.05
CA GLY E 152 9.85 52.92 10.91
C GLY E 152 10.59 52.95 9.59
N GLU E 153 11.87 52.59 9.58
CA GLU E 153 12.71 52.57 8.39
C GLU E 153 12.95 51.12 7.96
N SER E 154 13.79 50.95 6.94
CA SER E 154 14.07 49.64 6.37
C SER E 154 15.56 49.37 6.43
N VAL E 155 15.92 48.12 6.76
CA VAL E 155 17.32 47.71 6.91
C VAL E 155 17.53 46.42 6.11
N SER E 156 18.77 46.24 5.65
CA SER E 156 19.20 45.02 4.99
C SER E 156 20.36 44.42 5.74
N ILE E 157 20.33 43.11 5.95
CA ILE E 157 21.37 42.38 6.65
C ILE E 157 21.91 41.31 5.71
N SER E 158 23.23 41.25 5.59
CA SER E 158 23.86 40.36 4.61
C SER E 158 24.54 39.18 5.29
N CYS E 159 24.82 38.17 4.48
CA CYS E 159 25.53 36.98 4.93
C CYS E 159 26.22 36.36 3.72
N ARG E 160 27.39 35.76 3.96
CA ARG E 160 28.17 35.11 2.92
C ARG E 160 28.48 33.69 3.37
N SER E 161 29.10 32.93 2.48
CA SER E 161 29.37 31.52 2.72
C SER E 161 30.70 31.13 2.12
N SER E 162 31.31 30.08 2.67
CA SER E 162 32.51 29.53 2.09
C SER E 162 32.23 28.87 0.74
N LYS E 163 31.11 28.15 0.65
CA LYS E 163 30.70 27.52 -0.59
C LYS E 163 29.22 27.79 -0.82
N SER E 164 28.80 27.65 -2.07
CA SER E 164 27.41 27.91 -2.44
C SER E 164 26.49 26.98 -1.66
N LEU E 165 25.55 27.56 -0.92
CA LEU E 165 24.58 26.83 -0.14
C LEU E 165 23.43 26.30 -0.97
N LEU E 166 23.54 26.34 -2.29
CA LEU E 166 22.48 25.88 -3.18
C LEU E 166 22.74 24.41 -3.49
N HIS E 167 21.83 23.54 -3.04
CA HIS E 167 21.97 22.13 -3.29
C HIS E 167 21.44 21.76 -4.67
N SER E 168 21.76 20.55 -5.11
CA SER E 168 21.29 20.08 -6.41
C SER E 168 19.77 19.93 -6.46
N ASN E 169 19.12 19.76 -5.31
CA ASN E 169 17.67 19.58 -5.27
C ASN E 169 16.92 20.90 -5.11
N GLY E 170 17.50 22.00 -5.56
CA GLY E 170 16.81 23.27 -5.61
C GLY E 170 16.61 23.95 -4.29
N ASN E 171 17.27 23.49 -3.23
CA ASN E 171 17.13 24.05 -1.90
C ASN E 171 18.39 24.81 -1.55
N THR E 172 18.24 26.03 -1.06
CA THR E 172 19.36 26.84 -0.60
C THR E 172 19.22 26.97 0.91
N TYR E 173 20.15 26.35 1.64
CA TYR E 173 20.00 26.13 3.07
C TYR E 173 20.65 27.28 3.83
N LEU E 174 19.93 28.37 3.95
CA LEU E 174 20.32 29.49 4.80
C LEU E 174 19.18 29.80 5.76
N TYR E 175 19.53 30.14 6.99
CA TYR E 175 18.59 30.39 8.06
C TYR E 175 18.87 31.75 8.67
N TRP E 176 17.85 32.32 9.30
CA TRP E 176 17.99 33.62 9.95
C TRP E 176 17.40 33.55 11.35
N PHE E 177 18.06 34.19 12.30
CA PHE E 177 17.64 34.15 13.68
C PHE E 177 17.66 35.54 14.29
N LEU E 178 16.71 35.79 15.18
CA LEU E 178 16.64 37.01 15.96
C LEU E 178 16.86 36.69 17.42
N GLN E 179 17.89 37.26 18.01
CA GLN E 179 18.13 37.17 19.44
C GLN E 179 17.80 38.52 20.08
N ARG E 180 16.58 38.64 20.58
CA ARG E 180 16.22 39.81 21.35
C ARG E 180 17.07 39.85 22.62
N PRO E 181 17.37 41.05 23.12
CA PRO E 181 18.20 41.14 24.33
C PRO E 181 17.59 40.37 25.49
N GLY E 182 18.42 39.55 26.12
CA GLY E 182 17.96 38.73 27.24
C GLY E 182 16.91 37.72 26.85
N GLN E 183 17.05 37.11 25.67
CA GLN E 183 16.07 36.16 25.19
C GLN E 183 16.76 35.11 24.33
N SER E 184 16.12 33.95 24.22
CA SER E 184 16.62 32.94 23.31
C SER E 184 16.38 33.36 21.86
N PRO E 185 17.27 33.00 20.95
CA PRO E 185 17.07 33.35 19.55
C PRO E 185 15.85 32.68 18.94
N GLN E 186 15.31 33.31 17.92
CA GLN E 186 14.03 32.96 17.31
C GLN E 186 14.20 32.85 15.80
N LEU E 187 13.62 31.81 15.22
CA LEU E 187 13.73 31.61 13.78
C LEU E 187 12.91 32.64 13.02
N LEU E 188 13.50 33.19 11.97
CA LEU E 188 12.83 34.12 11.08
C LEU E 188 12.62 33.55 9.69
N ILE E 189 13.67 33.03 9.07
CA ILE E 189 13.63 32.53 7.71
C ILE E 189 14.31 31.17 7.67
N TYR E 190 13.68 30.21 7.01
CA TYR E 190 14.32 28.93 6.73
C TYR E 190 14.43 28.73 5.23
N ARG E 191 15.60 28.31 4.79
CA ARG E 191 15.92 28.10 3.38
C ARG E 191 15.75 29.37 2.56
N MET E 192 16.23 30.49 3.12
CA MET E 192 16.51 31.77 2.49
C MET E 192 15.30 32.38 1.77
N SER E 193 14.13 31.79 1.89
CA SER E 193 12.93 32.39 1.32
C SER E 193 11.70 32.30 2.19
N ASN E 194 11.61 31.35 3.12
CA ASN E 194 10.36 31.01 3.77
C ASN E 194 10.28 31.65 5.14
N LEU E 195 9.14 32.28 5.42
CA LEU E 195 8.91 32.90 6.71
C LEU E 195 8.31 31.90 7.68
N ALA E 196 8.69 32.04 8.94
CA ALA E 196 8.28 31.08 9.96
C ALA E 196 6.84 31.31 10.38
N SER E 197 6.36 30.50 11.31
CA SER E 197 5.00 30.58 11.81
C SER E 197 4.98 31.61 12.92
N GLY E 198 4.56 32.83 12.59
CA GLY E 198 4.41 33.90 13.56
C GLY E 198 5.19 35.16 13.23
N VAL E 199 6.20 35.07 12.38
CA VAL E 199 7.00 36.26 12.06
C VAL E 199 6.15 37.21 11.21
N PRO E 200 6.28 38.52 11.39
CA PRO E 200 5.56 39.45 10.52
C PRO E 200 6.08 39.40 9.09
N ASP E 201 5.18 39.71 8.17
CA ASP E 201 5.46 39.62 6.73
C ASP E 201 6.47 40.66 6.26
N ARG E 202 6.83 41.63 7.11
CA ARG E 202 7.81 42.63 6.73
C ARG E 202 9.16 42.00 6.42
N PHE E 203 9.51 40.93 7.12
CA PHE E 203 10.76 40.23 6.87
C PHE E 203 10.72 39.50 5.54
N SER E 204 11.88 39.39 4.90
CA SER E 204 11.99 38.60 3.68
C SER E 204 13.46 38.40 3.38
N GLY E 205 13.79 37.20 2.91
CA GLY E 205 15.16 36.84 2.61
C GLY E 205 15.32 36.49 1.14
N SER E 206 16.50 36.81 0.61
CA SER E 206 16.79 36.54 -0.79
C SER E 206 18.29 36.43 -0.95
N GLY E 207 18.71 35.93 -2.10
CA GLY E 207 20.12 35.81 -2.40
C GLY E 207 20.38 34.64 -3.32
N SER E 208 21.67 34.40 -3.56
CA SER E 208 22.12 33.29 -4.38
C SER E 208 23.21 32.52 -3.65
N GLY E 209 23.86 31.58 -4.33
CA GLY E 209 24.98 30.90 -3.74
C GLY E 209 26.09 31.87 -3.37
N THR E 210 26.54 31.82 -2.11
CA THR E 210 27.56 32.72 -1.59
C THR E 210 27.17 34.18 -1.73
N ALA E 211 25.87 34.48 -1.64
CA ALA E 211 25.40 35.86 -1.66
C ALA E 211 24.00 35.88 -1.06
N PHE E 212 23.85 36.51 0.11
CA PHE E 212 22.61 36.42 0.83
C PHE E 212 22.25 37.76 1.45
N THR E 213 20.96 37.94 1.70
CA THR E 213 20.51 39.17 2.34
C THR E 213 19.19 38.90 3.04
N LEU E 214 18.92 39.72 4.05
CA LEU E 214 17.65 39.69 4.79
C LEU E 214 17.19 41.12 4.97
N THR E 215 16.17 41.50 4.24
CA THR E 215 15.65 42.86 4.27
C THR E 215 14.43 42.94 5.18
N ILE E 216 14.33 44.05 5.90
CA ILE E 216 13.21 44.32 6.79
C ILE E 216 12.62 45.67 6.40
N SER E 217 11.31 45.81 6.56
CA SER E 217 10.62 47.04 6.23
C SER E 217 9.77 47.47 7.40
N ARG E 218 9.75 48.77 7.67
CA ARG E 218 9.05 49.35 8.81
C ARG E 218 9.53 48.72 10.12
N LEU E 219 10.81 48.92 10.40
CA LEU E 219 11.41 48.39 11.62
C LEU E 219 10.72 48.99 12.84
N GLU E 220 10.37 48.14 13.79
CA GLU E 220 9.54 48.55 14.91
C GLU E 220 10.29 48.33 16.23
N ALA E 221 9.58 48.52 17.33
CA ALA E 221 10.06 48.11 18.64
C ALA E 221 9.86 46.61 18.82
N GLU E 222 10.56 46.05 19.80
CA GLU E 222 10.60 44.60 20.00
C GLU E 222 11.05 43.90 18.73
N ASP E 223 11.97 44.54 18.01
CA ASP E 223 12.38 44.10 16.69
C ASP E 223 13.87 44.26 16.45
N VAL E 224 14.64 44.68 17.45
CA VAL E 224 16.07 44.93 17.31
C VAL E 224 16.82 43.92 18.18
N GLY E 225 17.90 43.39 17.64
CA GLY E 225 18.72 42.43 18.35
C GLY E 225 19.93 42.05 17.53
N VAL E 226 20.31 40.78 17.58
CA VAL E 226 21.43 40.27 16.78
C VAL E 226 20.89 39.23 15.82
N TYR E 227 21.23 39.38 14.54
CA TYR E 227 20.71 38.56 13.47
C TYR E 227 21.80 37.60 13.03
N TYR E 228 21.57 36.31 13.24
CA TYR E 228 22.53 35.27 12.92
C TYR E 228 22.08 34.50 11.69
N CYS E 229 23.01 34.25 10.78
CA CYS E 229 22.75 33.43 9.61
C CYS E 229 23.41 32.07 9.84
N MET E 230 22.61 31.00 9.74
CA MET E 230 23.10 29.65 9.93
C MET E 230 23.02 28.88 8.63
N GLN E 231 24.04 28.08 8.37
CA GLN E 231 24.05 27.15 7.26
C GLN E 231 23.60 25.78 7.73
N HIS E 232 22.90 25.07 6.86
CA HIS E 232 22.48 23.70 7.16
C HIS E 232 22.72 22.80 5.97
N LEU E 233 23.66 23.16 5.09
CA LEU E 233 23.99 22.33 3.94
C LEU E 233 24.67 21.04 4.37
N GLU E 234 25.65 21.14 5.27
CA GLU E 234 26.33 19.95 5.78
C GLU E 234 26.94 20.28 7.11
N TYR E 235 27.11 19.25 7.94
CA TYR E 235 27.67 19.41 9.26
C TYR E 235 29.18 19.63 9.19
N PRO E 236 29.77 20.36 10.13
CA PRO E 236 29.11 20.96 11.29
C PRO E 236 28.38 22.25 10.94
N LEU E 237 27.23 22.48 11.56
CA LEU E 237 26.47 23.67 11.30
C LEU E 237 27.19 24.89 11.85
N THR E 238 27.38 25.90 11.01
CA THR E 238 28.16 27.07 11.38
C THR E 238 27.31 28.32 11.27
N PHE E 239 27.52 29.23 12.20
CA PHE E 239 26.81 30.50 12.28
C PHE E 239 27.68 31.64 11.76
N GLY E 240 27.05 32.78 11.58
CA GLY E 240 27.78 33.99 11.37
C GLY E 240 28.21 34.62 12.67
N ALA E 241 29.02 35.67 12.56
CA ALA E 241 29.42 36.41 13.75
C ALA E 241 28.23 37.13 14.39
N GLY E 242 27.36 37.70 13.56
CA GLY E 242 26.20 38.40 14.07
C GLY E 242 26.13 39.85 13.67
N THR E 243 25.03 40.23 13.01
CA THR E 243 24.73 41.63 12.71
C THR E 243 23.76 42.15 13.74
N LYS E 244 24.13 43.25 14.39
CA LYS E 244 23.33 43.83 15.47
C LYS E 244 22.67 45.12 15.00
N LEU E 245 21.41 45.28 15.35
CA LEU E 245 20.64 46.48 15.01
C LEU E 245 20.26 47.19 16.30
N GLU E 246 20.65 48.47 16.40
CA GLU E 246 20.43 49.26 17.60
C GLU E 246 19.61 50.50 17.26
N LEU E 247 18.67 50.83 18.12
CA LEU E 247 17.83 52.02 17.93
C LEU E 247 18.38 53.19 18.73
C1 A1BE2 F . 26.70 -37.11 -1.00
C10 A1BE2 F . 34.29 -38.50 -0.32
C11 A1BE2 F . 35.93 -40.08 0.09
C12 A1BE2 F . 36.69 -39.64 -1.01
C13 A1BE2 F . 38.01 -40.29 -1.34
C14 A1BE2 F . 38.55 -41.15 -0.22
C15 A1BE2 F . 37.46 -42.05 0.31
C16 A1BE2 F . 36.38 -41.21 0.96
C17 A1BE2 F . 36.21 -38.59 -1.78
C18 A1BE2 F . 27.65 -38.04 1.14
C19 A1BE2 F . 27.09 -39.26 0.78
C2 A1BE2 F . 27.37 -36.76 0.34
C20 A1BE2 F . 27.35 -40.41 1.49
C21 A1BE2 F . 28.18 -40.35 2.57
C22 A1BE2 F . 28.75 -39.18 2.97
C23 A1BE2 F . 28.49 -38.02 2.26
C3 A1BE2 F . 26.43 -35.83 1.13
C4 A1BE2 F . 28.63 -35.93 0.00
C5 A1BE2 F . 30.17 -37.81 -0.67
C6 A1BE2 F . 31.30 -37.62 -1.67
C7 A1BE2 F . 32.51 -37.00 -1.00
C8 A1BE2 F . 32.12 -35.69 -0.36
C9 A1BE2 F . 30.98 -35.91 0.64
N1 A1BE2 F . 29.84 -36.53 -0.04
N2 A1BE2 F . 33.12 -37.91 -0.05
N3 A1BE2 F . 34.76 -39.50 0.41
N4 A1BE2 F . 35.00 -38.03 -1.40
O1 A1BE2 F . 28.50 -34.73 -0.26
O2 A1BE2 F . 36.82 -38.13 -2.75
CL1 A1BE2 F . 28.51 -41.81 3.47
#